data_5NNW
#
_entry.id   5NNW
#
_cell.length_a   114.996
_cell.length_b   122.285
_cell.length_c   121.099
_cell.angle_alpha   90.000
_cell.angle_beta   90.000
_cell.angle_gamma   90.000
#
_symmetry.space_group_name_H-M   'C 2 2 21'
#
loop_
_entity.id
_entity.type
_entity.pdbx_description
1 polymer '25 kDa protein elicitor'
2 non-polymer 'MAGNESIUM ION'
3 non-polymer 2-amino-2-deoxy-beta-D-glucopyranose
4 water water
#
_entity_poly.entity_id   1
_entity_poly.type   'polypeptide(L)'
_entity_poly.pdbx_seq_one_letter_code
;AVINHDAVPVWPQPEPADATQALAVRFKPQLDVVNGCQPYPAVDPQGNTSGGLKPSGSQAAACRDMSKAQVYSRSGTYNG
YYAIMYSWYMPKDSPSTGIGHRHDWENVVVWLDNAASANIVALSASAHSGYKKSFPADKSYLDGITAKISYKSTWPLDHE
LGFTTSAGKQQPLIQWEQMTQAARDALESTDFGNANVPFKSNFQDKLVKAFFQHHHHHH
;
_entity_poly.pdbx_strand_id   A,B,C,D
#
loop_
_chem_comp.id
_chem_comp.type
_chem_comp.name
_chem_comp.formula
GCS D-saccharide, beta linking 2-amino-2-deoxy-beta-D-glucopyranose 'C6 H13 N O5'
MG non-polymer 'MAGNESIUM ION' 'Mg 2'
#
# COMPACT_ATOMS: atom_id res chain seq x y z
N ALA A 1 -3.11 -10.16 -2.49
CA ALA A 1 -2.71 -9.16 -3.49
C ALA A 1 -1.26 -8.71 -3.25
N VAL A 2 -0.89 -7.53 -3.73
CA VAL A 2 0.49 -7.07 -3.63
C VAL A 2 0.72 -6.43 -2.26
N ILE A 3 1.83 -6.77 -1.60
CA ILE A 3 2.21 -6.15 -0.34
C ILE A 3 3.65 -5.64 -0.43
N ASN A 4 4.04 -4.83 0.56
CA ASN A 4 5.37 -4.23 0.54
C ASN A 4 6.45 -5.30 0.45
N HIS A 5 7.49 -5.01 -0.33
CA HIS A 5 8.54 -6.01 -0.58
C HIS A 5 9.18 -6.48 0.73
N ASP A 6 9.31 -5.59 1.70
CA ASP A 6 9.98 -5.95 2.94
C ASP A 6 9.04 -6.47 3.99
N ALA A 7 7.74 -6.62 3.66
CA ALA A 7 6.74 -7.16 4.56
C ALA A 7 6.36 -8.59 4.21
N VAL A 8 6.85 -9.14 3.10
CA VAL A 8 6.60 -10.55 2.80
C VAL A 8 7.41 -11.39 3.78
N PRO A 9 6.79 -12.26 4.56
CA PRO A 9 7.56 -13.05 5.53
C PRO A 9 8.42 -14.07 4.81
N VAL A 10 9.57 -14.38 5.40
CA VAL A 10 10.34 -15.52 4.95
C VAL A 10 9.60 -16.80 5.30
N TRP A 11 9.38 -17.64 4.30
CA TRP A 11 8.72 -18.92 4.49
C TRP A 11 9.74 -19.89 5.07
N PRO A 12 9.56 -20.38 6.29
CA PRO A 12 10.56 -21.27 6.88
C PRO A 12 10.72 -22.55 6.07
N GLN A 13 11.95 -23.05 6.02
CA GLN A 13 12.22 -24.30 5.32
C GLN A 13 11.66 -25.47 6.13
N PRO A 14 10.68 -26.22 5.62
CA PRO A 14 10.12 -27.32 6.39
C PRO A 14 11.02 -28.55 6.28
N GLU A 15 10.68 -29.59 7.06
CA GLU A 15 11.35 -30.86 6.83
C GLU A 15 10.87 -31.45 5.51
N PRO A 16 11.73 -32.18 4.81
CA PRO A 16 11.33 -32.77 3.51
C PRO A 16 10.44 -33.99 3.71
N ALA A 17 9.25 -33.95 3.11
CA ALA A 17 8.22 -34.95 3.35
C ALA A 17 8.35 -36.17 2.45
N ASP A 18 9.22 -36.13 1.46
CA ASP A 18 9.42 -37.24 0.55
C ASP A 18 10.78 -37.07 -0.12
N ALA A 19 11.08 -38.00 -1.05
CA ALA A 19 12.40 -38.02 -1.65
C ALA A 19 12.61 -36.86 -2.60
N THR A 20 11.56 -36.44 -3.31
CA THR A 20 11.62 -35.21 -4.11
C THR A 20 12.12 -34.05 -3.28
N GLN A 21 11.46 -33.83 -2.14
CA GLN A 21 11.79 -32.68 -1.33
C GLN A 21 13.16 -32.84 -0.66
N ALA A 22 13.52 -34.07 -0.28
CA ALA A 22 14.83 -34.27 0.33
C ALA A 22 15.95 -34.04 -0.68
N LEU A 23 15.75 -34.45 -1.92
CA LEU A 23 16.76 -34.20 -2.96
C LEU A 23 16.95 -32.71 -3.19
N ALA A 24 15.85 -31.94 -3.24
CA ALA A 24 16.01 -30.51 -3.46
C ALA A 24 16.74 -29.84 -2.30
N VAL A 25 16.53 -30.30 -1.06
CA VAL A 25 17.33 -29.77 0.04
C VAL A 25 18.79 -30.16 -0.15
N ARG A 26 19.05 -31.41 -0.53
CA ARG A 26 20.43 -31.88 -0.61
C ARG A 26 21.24 -31.10 -1.63
N PHE A 27 20.63 -30.78 -2.77
CA PHE A 27 21.36 -30.11 -3.85
C PHE A 27 21.20 -28.58 -3.82
N LYS A 28 20.73 -28.01 -2.70
CA LYS A 28 20.57 -26.57 -2.62
C LYS A 28 21.87 -25.85 -2.98
N PRO A 29 21.84 -24.91 -3.92
CA PRO A 29 23.07 -24.25 -4.35
C PRO A 29 23.52 -23.14 -3.40
N GLN A 30 24.70 -22.60 -3.68
CA GLN A 30 25.22 -21.38 -3.08
C GLN A 30 25.07 -20.24 -4.07
N LEU A 31 24.77 -19.03 -3.58
CA LEU A 31 24.61 -17.85 -4.43
C LEU A 31 25.56 -16.76 -3.96
N ASP A 32 26.39 -16.24 -4.86
CA ASP A 32 27.30 -15.13 -4.59
C ASP A 32 26.70 -13.88 -5.26
N VAL A 33 26.04 -13.04 -4.46
CA VAL A 33 25.46 -11.79 -4.96
C VAL A 33 26.61 -10.80 -5.11
N VAL A 34 27.04 -10.57 -6.35
CA VAL A 34 28.16 -9.66 -6.61
C VAL A 34 27.70 -8.22 -6.59
N ASN A 35 26.58 -7.92 -7.25
CA ASN A 35 25.95 -6.61 -7.14
C ASN A 35 24.45 -6.79 -7.28
N GLY A 36 23.71 -5.69 -7.11
CA GLY A 36 22.27 -5.75 -7.13
C GLY A 36 21.69 -6.20 -5.80
N CYS A 37 20.42 -6.58 -5.85
CA CYS A 37 19.64 -6.95 -4.68
C CYS A 37 20.00 -8.34 -4.18
N GLN A 38 19.87 -8.51 -2.86
CA GLN A 38 19.80 -9.83 -2.27
C GLN A 38 18.48 -10.50 -2.65
N PRO A 39 18.43 -11.84 -2.61
CA PRO A 39 17.14 -12.51 -2.81
C PRO A 39 16.16 -12.22 -1.67
N TYR A 40 14.89 -12.05 -2.02
CA TYR A 40 13.81 -11.72 -1.11
C TYR A 40 12.67 -12.70 -1.28
N PRO A 41 11.71 -12.73 -0.33
CA PRO A 41 10.53 -13.58 -0.53
C PRO A 41 9.55 -12.92 -1.48
N ALA A 42 9.04 -13.72 -2.42
CA ALA A 42 8.12 -13.24 -3.45
C ALA A 42 6.65 -13.49 -3.14
N VAL A 43 6.36 -14.44 -2.25
CA VAL A 43 4.99 -14.89 -2.01
C VAL A 43 4.85 -15.36 -0.57
N ASP A 44 3.63 -15.26 -0.03
CA ASP A 44 3.37 -15.78 1.30
C ASP A 44 2.31 -16.87 1.24
N PRO A 45 2.01 -17.57 2.34
CA PRO A 45 1.10 -18.72 2.24
C PRO A 45 -0.33 -18.35 1.89
N GLN A 46 -0.73 -17.09 2.04
CA GLN A 46 -2.05 -16.61 1.63
C GLN A 46 -2.09 -16.19 0.16
N GLY A 47 -0.96 -16.26 -0.54
CA GLY A 47 -0.92 -15.85 -1.93
C GLY A 47 -0.66 -14.38 -2.14
N ASN A 48 -0.35 -13.62 -1.10
CA ASN A 48 0.12 -12.26 -1.31
C ASN A 48 1.50 -12.31 -1.95
N THR A 49 1.78 -11.34 -2.82
CA THR A 49 3.05 -11.32 -3.55
C THR A 49 3.78 -10.01 -3.31
N SER A 50 5.08 -10.03 -3.56
CA SER A 50 5.91 -8.84 -3.37
C SER A 50 5.59 -7.75 -4.38
N GLY A 51 5.45 -6.52 -3.89
CA GLY A 51 5.33 -5.41 -4.81
C GLY A 51 6.62 -4.95 -5.44
N GLY A 52 7.75 -5.55 -5.06
CA GLY A 52 9.00 -5.17 -5.70
C GLY A 52 9.43 -3.74 -5.34
N LEU A 53 10.37 -3.25 -6.13
CA LEU A 53 10.92 -1.90 -5.97
C LEU A 53 10.91 -1.20 -7.32
N LYS A 54 10.61 0.11 -7.28
CA LYS A 54 10.68 0.95 -8.47
C LYS A 54 12.15 1.19 -8.80
N PRO A 55 12.56 1.06 -10.06
CA PRO A 55 13.95 1.40 -10.39
C PRO A 55 14.18 2.90 -10.21
N SER A 56 14.97 3.26 -9.21
CA SER A 56 15.19 4.66 -8.85
C SER A 56 16.31 4.77 -7.81
N ALA A 60 21.18 -0.48 -3.82
CA ALA A 60 20.46 -1.63 -3.29
C ALA A 60 20.10 -1.45 -1.82
N ALA A 61 20.04 -0.21 -1.34
CA ALA A 61 19.82 0.00 0.09
C ALA A 61 18.47 -0.56 0.54
N ALA A 62 17.48 -0.60 -0.35
CA ALA A 62 16.17 -1.12 0.01
C ALA A 62 16.06 -2.63 -0.21
N CYS A 63 17.10 -3.28 -0.74
CA CYS A 63 16.97 -4.71 -1.02
C CYS A 63 18.25 -5.45 -0.65
N ARG A 64 18.87 -5.06 0.47
CA ARG A 64 20.14 -5.64 0.89
C ARG A 64 20.05 -6.34 2.24
N ASP A 65 18.84 -6.56 2.75
CA ASP A 65 18.67 -7.13 4.09
C ASP A 65 18.82 -8.64 4.02
N MET A 66 19.92 -9.16 4.57
CA MET A 66 20.19 -10.60 4.53
C MET A 66 19.16 -11.44 5.27
N SER A 67 18.44 -10.85 6.24
CA SER A 67 17.45 -11.62 6.96
C SER A 67 16.26 -12.01 6.10
N LYS A 68 16.10 -11.36 4.94
CA LYS A 68 14.98 -11.64 4.06
C LYS A 68 15.25 -12.78 3.09
N ALA A 69 16.40 -13.45 3.22
CA ALA A 69 16.83 -14.45 2.24
C ALA A 69 15.82 -15.57 2.06
N GLN A 70 15.62 -15.98 0.81
CA GLN A 70 14.71 -17.05 0.44
C GLN A 70 15.19 -17.62 -0.88
N VAL A 71 15.05 -18.92 -1.06
CA VAL A 71 15.22 -19.55 -2.38
C VAL A 71 14.05 -20.49 -2.60
N TYR A 72 13.71 -20.70 -3.89
CA TYR A 72 12.62 -21.56 -4.33
C TYR A 72 13.18 -22.74 -5.12
N SER A 73 12.38 -23.80 -5.23
CA SER A 73 12.73 -24.86 -6.19
C SER A 73 11.47 -25.55 -6.68
N ARG A 74 11.59 -26.15 -7.86
CA ARG A 74 10.62 -27.10 -8.37
C ARG A 74 11.39 -28.21 -9.07
N SER A 75 10.89 -29.43 -8.96
CA SER A 75 11.58 -30.60 -9.46
C SER A 75 10.76 -31.30 -10.54
N GLY A 76 11.45 -31.90 -11.51
CA GLY A 76 10.74 -32.64 -12.53
C GLY A 76 11.73 -33.43 -13.37
N THR A 77 11.22 -33.94 -14.51
CA THR A 77 12.05 -34.72 -15.41
C THR A 77 11.91 -34.21 -16.84
N TYR A 78 12.95 -34.44 -17.63
CA TYR A 78 12.91 -34.11 -19.05
C TYR A 78 13.88 -35.03 -19.79
N ASN A 79 13.38 -35.66 -20.85
CA ASN A 79 14.20 -36.48 -21.74
C ASN A 79 14.98 -37.56 -20.99
N GLY A 80 14.40 -38.08 -19.91
CA GLY A 80 15.05 -39.11 -19.11
C GLY A 80 15.90 -38.61 -17.96
N TYR A 81 16.25 -37.34 -17.94
CA TYR A 81 17.06 -36.75 -16.88
C TYR A 81 16.18 -36.11 -15.83
N TYR A 82 16.73 -35.99 -14.62
CA TYR A 82 16.02 -35.44 -13.48
C TYR A 82 16.51 -34.03 -13.22
N ALA A 83 15.58 -33.08 -13.11
CA ALA A 83 15.94 -31.67 -13.01
C ALA A 83 15.45 -31.08 -11.70
N ILE A 84 16.33 -30.34 -11.01
CA ILE A 84 15.90 -29.51 -9.89
C ILE A 84 16.18 -28.06 -10.28
N MET A 85 15.12 -27.28 -10.46
CA MET A 85 15.26 -25.85 -10.74
C MET A 85 15.22 -25.08 -9.44
N TYR A 86 16.28 -24.31 -9.17
CA TYR A 86 16.32 -23.40 -8.05
C TYR A 86 16.13 -21.99 -8.57
N SER A 87 15.30 -21.20 -7.90
CA SER A 87 14.95 -19.88 -8.40
C SER A 87 15.01 -18.85 -7.27
N TRP A 88 15.48 -17.64 -7.62
CA TRP A 88 15.53 -16.50 -6.69
C TRP A 88 14.71 -15.34 -7.25
N TYR A 89 14.06 -14.63 -6.33
CA TYR A 89 13.32 -13.40 -6.61
C TYR A 89 14.09 -12.23 -6.03
N MET A 90 14.30 -11.17 -6.83
CA MET A 90 14.85 -9.93 -6.31
C MET A 90 13.83 -8.81 -6.51
N PRO A 91 13.77 -7.82 -5.62
CA PRO A 91 12.70 -6.82 -5.75
C PRO A 91 12.83 -5.94 -6.98
N LYS A 92 14.02 -5.79 -7.54
CA LYS A 92 14.19 -5.04 -8.79
C LYS A 92 15.41 -5.59 -9.49
N ASP A 93 15.55 -5.21 -10.76
CA ASP A 93 16.69 -5.55 -11.60
C ASP A 93 17.06 -4.22 -12.27
N SER A 94 17.93 -3.46 -11.64
CA SER A 94 18.23 -2.09 -12.09
C SER A 94 19.75 -1.89 -12.16
N PRO A 95 20.34 -2.01 -13.35
CA PRO A 95 21.80 -1.80 -13.44
C PRO A 95 22.24 -0.40 -13.00
N SER A 96 21.46 0.62 -13.33
CA SER A 96 21.68 1.96 -12.81
C SER A 96 20.33 2.67 -12.76
N THR A 97 20.31 3.85 -12.16
CA THR A 97 19.06 4.59 -12.01
C THR A 97 18.46 4.86 -13.38
N GLY A 98 17.14 4.67 -13.49
CA GLY A 98 16.48 4.84 -14.76
C GLY A 98 16.74 3.74 -15.76
N ILE A 99 17.45 2.68 -15.38
CA ILE A 99 17.65 1.51 -16.20
C ILE A 99 17.14 0.30 -15.44
N GLY A 100 16.46 -0.60 -16.13
CA GLY A 100 15.96 -1.80 -15.51
C GLY A 100 14.49 -1.72 -15.15
N HIS A 101 14.08 -2.61 -14.24
CA HIS A 101 12.67 -2.73 -14.00
C HIS A 101 12.41 -3.30 -12.62
N ARG A 102 11.18 -3.07 -12.17
CA ARG A 102 10.64 -3.72 -10.98
C ARG A 102 10.63 -5.23 -11.20
N HIS A 103 10.96 -5.98 -10.12
CA HIS A 103 10.98 -7.45 -10.07
C HIS A 103 12.14 -8.07 -10.82
N ASP A 104 12.60 -9.22 -10.33
CA ASP A 104 13.59 -10.04 -11.03
C ASP A 104 13.35 -11.49 -10.63
N TRP A 105 13.35 -12.38 -11.62
CA TRP A 105 13.26 -13.81 -11.39
C TRP A 105 14.40 -14.47 -12.15
N GLU A 106 15.23 -15.24 -11.45
CA GLU A 106 16.34 -15.97 -12.06
C GLU A 106 16.28 -17.40 -11.61
N ASN A 107 16.93 -18.30 -12.37
CA ASN A 107 16.89 -19.70 -11.99
C ASN A 107 18.10 -20.47 -12.52
N VAL A 108 18.53 -21.45 -11.74
CA VAL A 108 19.55 -22.42 -12.16
C VAL A 108 18.91 -23.81 -12.14
N VAL A 109 19.21 -24.63 -13.16
CA VAL A 109 18.76 -26.01 -13.18
C VAL A 109 19.96 -26.91 -12.90
N VAL A 110 19.83 -27.76 -11.88
CA VAL A 110 20.78 -28.84 -11.60
C VAL A 110 20.24 -30.10 -12.25
N TRP A 111 21.00 -30.66 -13.21
CA TRP A 111 20.60 -31.85 -13.94
C TRP A 111 21.27 -33.08 -13.34
N LEU A 112 20.46 -34.07 -13.00
CA LEU A 112 20.97 -35.36 -12.52
C LEU A 112 20.67 -36.44 -13.55
N ASP A 113 21.51 -37.49 -13.57
CA ASP A 113 21.24 -38.60 -14.49
C ASP A 113 19.89 -39.22 -14.16
N ASN A 114 19.63 -39.47 -12.88
CA ASN A 114 18.29 -39.81 -12.41
C ASN A 114 18.26 -39.54 -10.91
N ALA A 115 17.06 -39.63 -10.31
CA ALA A 115 16.93 -39.21 -8.93
C ALA A 115 17.50 -40.20 -7.92
N ALA A 116 17.83 -41.42 -8.36
CA ALA A 116 18.43 -42.39 -7.45
C ALA A 116 19.96 -42.31 -7.48
N SER A 117 20.55 -42.46 -8.66
CA SER A 117 22.00 -42.27 -8.80
C SER A 117 22.42 -40.87 -8.38
N ALA A 118 21.64 -39.87 -8.77
CA ALA A 118 21.80 -38.48 -8.35
C ALA A 118 23.22 -37.97 -8.62
N ASN A 119 23.76 -38.31 -9.80
CA ASN A 119 25.00 -37.72 -10.29
C ASN A 119 24.69 -36.46 -11.08
N ILE A 120 25.37 -35.37 -10.74
CA ILE A 120 25.22 -34.12 -11.48
C ILE A 120 25.85 -34.31 -12.86
N VAL A 121 25.05 -34.14 -13.91
CA VAL A 121 25.56 -34.23 -15.28
C VAL A 121 25.75 -32.86 -15.91
N ALA A 122 25.06 -31.82 -15.45
CA ALA A 122 25.15 -30.49 -16.07
C ALA A 122 24.48 -29.47 -15.16
N LEU A 123 24.80 -28.19 -15.42
CA LEU A 123 24.17 -27.06 -14.77
C LEU A 123 23.72 -26.07 -15.84
N SER A 124 22.57 -25.44 -15.61
CA SER A 124 22.07 -24.40 -16.52
C SER A 124 21.71 -23.17 -15.70
N ALA A 125 22.22 -22.00 -16.08
CA ALA A 125 21.95 -20.77 -15.33
C ALA A 125 21.30 -19.72 -16.23
N SER A 126 20.23 -19.09 -15.73
CA SER A 126 19.48 -18.14 -16.55
C SER A 126 20.26 -16.87 -16.85
N ALA A 127 20.19 -16.42 -18.10
CA ALA A 127 20.82 -15.17 -18.52
C ALA A 127 20.01 -14.55 -19.65
N HIS A 128 20.47 -13.37 -20.11
CA HIS A 128 19.63 -12.57 -21.00
C HIS A 128 19.45 -13.22 -22.36
N SER A 129 20.48 -13.91 -22.87
CA SER A 129 20.38 -14.54 -24.18
C SER A 129 19.77 -15.93 -24.12
N GLY A 130 19.45 -16.41 -22.92
CA GLY A 130 19.10 -17.79 -22.67
C GLY A 130 20.03 -18.37 -21.62
N TYR A 131 19.92 -19.68 -21.43
CA TYR A 131 20.68 -20.35 -20.37
C TYR A 131 22.15 -20.51 -20.72
N LYS A 132 23.01 -20.16 -19.77
CA LYS A 132 24.40 -20.61 -19.78
C LYS A 132 24.45 -22.05 -19.31
N LYS A 133 25.28 -22.87 -19.97
CA LYS A 133 25.32 -24.29 -19.67
C LYS A 133 26.74 -24.72 -19.34
N SER A 134 26.88 -25.52 -18.27
CA SER A 134 28.14 -26.16 -17.90
C SER A 134 27.93 -27.66 -18.03
N PHE A 135 28.54 -28.26 -19.06
CA PHE A 135 28.30 -29.65 -19.43
C PHE A 135 29.60 -30.28 -19.94
N PRO A 136 30.20 -31.22 -19.19
CA PRO A 136 29.73 -31.67 -17.87
C PRO A 136 29.89 -30.57 -16.82
N ALA A 137 29.27 -30.74 -15.66
CA ALA A 137 29.37 -29.71 -14.64
C ALA A 137 30.82 -29.53 -14.23
N ASP A 138 31.36 -28.34 -14.47
CA ASP A 138 32.75 -28.07 -14.14
C ASP A 138 32.98 -28.21 -12.64
N LYS A 139 33.95 -29.06 -12.27
CA LYS A 139 34.22 -29.31 -10.85
C LYS A 139 34.57 -28.04 -10.10
N SER A 140 35.08 -27.02 -10.80
CA SER A 140 35.42 -25.79 -10.13
C SER A 140 34.20 -24.97 -9.75
N TYR A 141 33.03 -25.31 -10.30
CA TYR A 141 31.77 -24.68 -9.96
C TYR A 141 31.00 -25.47 -8.91
N LEU A 142 31.61 -26.50 -8.33
CA LEU A 142 30.95 -27.38 -7.38
C LEU A 142 31.73 -27.43 -6.07
N ASP A 143 31.01 -27.25 -4.97
CA ASP A 143 31.50 -27.45 -3.62
C ASP A 143 30.85 -28.75 -3.16
N GLY A 144 31.50 -29.86 -3.44
CA GLY A 144 30.86 -31.15 -3.26
C GLY A 144 29.78 -31.36 -4.30
N ILE A 145 28.53 -31.42 -3.87
CA ILE A 145 27.39 -31.43 -4.77
C ILE A 145 26.66 -30.09 -4.79
N THR A 146 27.25 -29.05 -4.20
CA THR A 146 26.63 -27.73 -4.04
C THR A 146 27.13 -26.80 -5.14
N ALA A 147 26.24 -26.47 -6.08
CA ALA A 147 26.62 -25.61 -7.19
C ALA A 147 26.89 -24.19 -6.70
N LYS A 148 27.94 -23.57 -7.26
CA LYS A 148 28.34 -22.21 -6.89
C LYS A 148 27.90 -21.26 -8.00
N ILE A 149 26.92 -20.42 -7.70
CA ILE A 149 26.26 -19.55 -8.66
C ILE A 149 26.54 -18.11 -8.29
N SER A 150 26.64 -17.25 -9.31
CA SER A 150 26.76 -15.82 -9.12
C SER A 150 25.51 -15.10 -9.61
N TYR A 151 25.23 -13.94 -9.00
CA TYR A 151 24.21 -13.00 -9.46
C TYR A 151 24.88 -11.66 -9.66
N LYS A 152 24.81 -11.12 -10.88
CA LYS A 152 25.66 -9.99 -11.22
C LYS A 152 25.11 -9.29 -12.45
N SER A 153 25.19 -7.96 -12.44
CA SER A 153 24.97 -7.15 -13.63
C SER A 153 26.33 -6.69 -14.17
N THR A 154 26.56 -6.95 -15.45
CA THR A 154 27.65 -6.32 -16.20
C THR A 154 27.04 -5.16 -16.97
N TRP A 155 27.30 -3.94 -16.51
CA TRP A 155 26.60 -2.78 -17.04
C TRP A 155 26.77 -2.71 -18.55
N PRO A 156 25.70 -2.40 -19.31
CA PRO A 156 24.36 -1.99 -18.87
C PRO A 156 23.32 -3.11 -18.83
N LEU A 157 23.77 -4.36 -18.87
CA LEU A 157 22.87 -5.49 -18.95
C LEU A 157 22.21 -5.76 -17.59
N ASP A 158 21.05 -6.41 -17.64
CA ASP A 158 20.32 -6.76 -16.43
C ASP A 158 21.13 -7.71 -15.57
N HIS A 159 20.83 -7.74 -14.27
CA HIS A 159 21.42 -8.72 -13.36
C HIS A 159 20.96 -10.11 -13.76
N GLU A 160 21.92 -11.04 -13.87
CA GLU A 160 21.65 -12.39 -14.33
C GLU A 160 22.57 -13.36 -13.60
N LEU A 161 22.35 -14.66 -13.82
CA LEU A 161 23.13 -15.67 -13.14
C LEU A 161 24.33 -16.10 -13.96
N GLY A 162 25.31 -16.68 -13.27
CA GLY A 162 26.46 -17.29 -13.91
C GLY A 162 27.02 -18.34 -12.99
N PHE A 163 28.09 -18.98 -13.44
CA PHE A 163 28.82 -19.94 -12.62
C PHE A 163 30.07 -19.27 -12.08
N THR A 164 30.44 -19.63 -10.86
CA THR A 164 31.57 -18.99 -10.23
C THR A 164 32.35 -20.00 -9.39
N THR A 165 33.65 -19.74 -9.24
CA THR A 165 34.45 -20.52 -8.30
C THR A 165 34.32 -20.00 -6.87
N SER A 166 33.73 -18.83 -6.68
CA SER A 166 33.64 -18.22 -5.37
C SER A 166 32.57 -18.90 -4.52
N ALA A 167 32.90 -19.09 -3.25
CA ALA A 167 31.89 -19.51 -2.28
C ALA A 167 30.77 -18.50 -2.20
N GLY A 168 29.55 -18.99 -1.98
CA GLY A 168 28.40 -18.13 -1.86
C GLY A 168 27.60 -18.45 -0.60
N LYS A 169 26.42 -17.86 -0.49
CA LYS A 169 25.55 -18.02 0.66
C LYS A 169 24.35 -18.85 0.30
N GLN A 170 23.71 -19.40 1.32
CA GLN A 170 22.51 -20.20 1.15
C GLN A 170 21.34 -19.52 1.85
N GLN A 171 20.14 -19.89 1.43
CA GLN A 171 18.86 -19.31 1.85
C GLN A 171 17.90 -20.42 2.25
N PRO A 172 16.95 -20.11 3.14
CA PRO A 172 15.87 -21.06 3.42
C PRO A 172 15.09 -21.38 2.15
N LEU A 173 14.94 -22.67 1.90
CA LEU A 173 14.29 -23.17 0.69
C LEU A 173 12.83 -23.51 0.97
N ILE A 174 11.92 -22.94 0.18
CA ILE A 174 10.53 -23.42 0.13
C ILE A 174 10.27 -23.89 -1.30
N GLN A 175 9.81 -25.13 -1.41
CA GLN A 175 9.61 -25.75 -2.71
C GLN A 175 8.18 -25.57 -3.21
N TRP A 176 8.05 -25.46 -4.53
CA TRP A 176 6.74 -25.45 -5.17
C TRP A 176 5.86 -26.56 -4.61
N GLU A 177 6.45 -27.75 -4.45
CA GLU A 177 5.74 -28.92 -3.95
C GLU A 177 5.30 -28.79 -2.50
N GLN A 178 5.87 -27.84 -1.74
CA GLN A 178 5.55 -27.62 -0.33
C GLN A 178 4.69 -26.39 -0.09
N MET A 179 4.43 -25.61 -1.12
CA MET A 179 3.65 -24.39 -0.97
C MET A 179 2.18 -24.71 -0.74
N THR A 180 1.46 -23.72 -0.21
CA THR A 180 0.00 -23.78 -0.23
C THR A 180 -0.50 -23.60 -1.65
N GLN A 181 -1.75 -24.06 -1.86
CA GLN A 181 -2.34 -23.87 -3.18
C GLN A 181 -2.49 -22.39 -3.50
N ALA A 182 -2.80 -21.56 -2.50
CA ALA A 182 -2.93 -20.12 -2.74
C ALA A 182 -1.61 -19.54 -3.25
N ALA A 183 -0.48 -20.00 -2.70
CA ALA A 183 0.80 -19.48 -3.16
C ALA A 183 1.10 -19.93 -4.59
N ARG A 184 0.83 -21.20 -4.91
CA ARG A 184 1.01 -21.67 -6.28
C ARG A 184 0.10 -20.92 -7.24
N ASP A 185 -1.15 -20.67 -6.84
CA ASP A 185 -2.09 -19.95 -7.71
C ASP A 185 -1.60 -18.53 -7.95
N ALA A 186 -1.10 -17.88 -6.90
CA ALA A 186 -0.60 -16.52 -7.02
C ALA A 186 0.65 -16.46 -7.90
N LEU A 187 1.55 -17.44 -7.77
CA LEU A 187 2.73 -17.43 -8.64
C LEU A 187 2.35 -17.69 -10.09
N GLU A 188 1.30 -18.48 -10.33
CA GLU A 188 0.84 -18.73 -11.71
C GLU A 188 0.23 -17.49 -12.35
N SER A 189 -0.54 -16.71 -11.58
CA SER A 189 -1.41 -15.69 -12.16
C SER A 189 -0.90 -14.27 -12.00
N THR A 190 0.08 -14.03 -11.13
CA THR A 190 0.51 -12.67 -10.84
C THR A 190 1.36 -12.12 -11.97
N ASP A 191 1.12 -10.85 -12.32
CA ASP A 191 1.90 -10.15 -13.32
C ASP A 191 3.14 -9.55 -12.65
N PHE A 192 4.30 -10.14 -12.93
CA PHE A 192 5.58 -9.61 -12.46
C PHE A 192 6.23 -8.71 -13.51
N GLY A 193 5.44 -8.23 -14.47
CA GLY A 193 5.93 -7.25 -15.42
C GLY A 193 6.95 -7.80 -16.38
N ASN A 194 8.16 -7.25 -16.34
CA ASN A 194 9.26 -7.69 -17.17
C ASN A 194 9.88 -8.99 -16.68
N ALA A 195 9.60 -9.40 -15.45
CA ALA A 195 10.12 -10.64 -14.89
C ALA A 195 9.06 -11.73 -15.00
N ASN A 196 9.50 -12.99 -15.03
CA ASN A 196 8.59 -14.11 -15.15
C ASN A 196 9.01 -15.23 -14.22
N VAL A 197 8.05 -15.69 -13.41
CA VAL A 197 8.24 -16.89 -12.60
C VAL A 197 8.62 -18.03 -13.54
N PRO A 198 9.76 -18.70 -13.31
CA PRO A 198 10.19 -19.75 -14.25
C PRO A 198 9.76 -21.16 -13.89
N PHE A 199 9.04 -21.33 -12.78
CA PHE A 199 8.64 -22.66 -12.34
C PHE A 199 7.13 -22.78 -12.17
N LYS A 200 6.36 -21.94 -12.88
CA LYS A 200 4.90 -22.10 -12.90
C LYS A 200 4.51 -23.03 -14.05
N SER A 201 3.39 -22.77 -14.74
CA SER A 201 2.97 -23.67 -15.81
C SER A 201 3.94 -23.70 -16.98
N ASN A 202 4.92 -22.79 -17.01
CA ASN A 202 5.98 -22.79 -18.01
C ASN A 202 7.16 -23.68 -17.65
N PHE A 203 7.06 -24.45 -16.56
CA PHE A 203 8.22 -25.17 -16.02
C PHE A 203 8.84 -26.10 -17.07
N GLN A 204 8.02 -26.96 -17.69
CA GLN A 204 8.55 -27.90 -18.67
C GLN A 204 9.15 -27.17 -19.86
N ASP A 205 8.53 -26.07 -20.30
CA ASP A 205 9.09 -25.28 -21.40
C ASP A 205 10.46 -24.72 -21.02
N LYS A 206 10.62 -24.29 -19.76
CA LYS A 206 11.93 -23.82 -19.32
C LYS A 206 12.94 -24.96 -19.29
N LEU A 207 12.52 -26.17 -18.89
CA LEU A 207 13.46 -27.28 -18.88
C LEU A 207 13.95 -27.59 -20.29
N VAL A 208 13.06 -27.48 -21.29
CA VAL A 208 13.47 -27.69 -22.68
C VAL A 208 14.57 -26.69 -23.06
N LYS A 209 14.39 -25.42 -22.68
CA LYS A 209 15.39 -24.41 -23.00
C LYS A 209 16.68 -24.59 -22.21
N ALA A 210 16.58 -25.12 -20.99
CA ALA A 210 17.75 -25.34 -20.16
C ALA A 210 18.52 -26.61 -20.51
N PHE A 211 17.96 -27.48 -21.35
CA PHE A 211 18.58 -28.78 -21.55
C PHE A 211 19.94 -28.64 -22.23
N PHE A 212 20.84 -29.59 -21.98
CA PHE A 212 22.28 -29.43 -22.16
C PHE A 212 22.86 -30.20 -23.34
N GLN A 213 22.08 -31.00 -24.05
CA GLN A 213 22.60 -31.74 -25.19
C GLN A 213 21.54 -31.92 -26.27
N ALA B 1 -4.35 -9.88 1.39
CA ALA B 1 -4.03 -8.93 2.45
C ALA B 1 -4.89 -7.67 2.35
N VAL B 2 -4.45 -6.59 2.97
CA VAL B 2 -5.21 -5.35 3.02
C VAL B 2 -4.97 -4.58 1.73
N ILE B 3 -6.05 -4.15 1.08
CA ILE B 3 -5.97 -3.34 -0.13
C ILE B 3 -6.77 -2.06 0.10
N ASN B 4 -6.58 -1.09 -0.81
CA ASN B 4 -7.23 0.20 -0.67
C ASN B 4 -8.74 0.04 -0.61
N HIS B 5 -9.39 0.82 0.26
CA HIS B 5 -10.83 0.68 0.47
C HIS B 5 -11.62 0.82 -0.82
N ASP B 6 -11.16 1.69 -1.73
CA ASP B 6 -11.90 1.93 -2.96
C ASP B 6 -11.48 1.02 -4.09
N ALA B 7 -10.57 0.08 -3.82
CA ALA B 7 -10.12 -0.89 -4.80
C ALA B 7 -10.73 -2.26 -4.58
N VAL B 8 -11.46 -2.48 -3.50
CA VAL B 8 -12.14 -3.76 -3.30
C VAL B 8 -13.29 -3.83 -4.29
N PRO B 9 -13.33 -4.82 -5.17
CA PRO B 9 -14.45 -4.90 -6.12
C PRO B 9 -15.77 -5.23 -5.43
N VAL B 10 -16.86 -4.71 -6.01
CA VAL B 10 -18.19 -5.16 -5.60
C VAL B 10 -18.39 -6.61 -6.07
N TRP B 11 -18.73 -7.48 -5.14
CA TRP B 11 -19.01 -8.87 -5.45
C TRP B 11 -20.41 -8.97 -6.04
N PRO B 12 -20.57 -9.38 -7.30
CA PRO B 12 -21.91 -9.42 -7.89
C PRO B 12 -22.81 -10.41 -7.17
N GLN B 13 -24.09 -10.07 -7.09
CA GLN B 13 -25.08 -10.96 -6.51
C GLN B 13 -25.37 -12.12 -7.45
N PRO B 14 -25.07 -13.36 -7.08
CA PRO B 14 -25.36 -14.49 -7.96
C PRO B 14 -26.81 -14.91 -7.89
N GLU B 15 -27.19 -15.84 -8.76
CA GLU B 15 -28.48 -16.50 -8.59
C GLU B 15 -28.45 -17.32 -7.32
N PRO B 16 -29.56 -17.38 -6.57
CA PRO B 16 -29.57 -18.20 -5.35
C PRO B 16 -29.57 -19.68 -5.69
N ALA B 17 -28.60 -20.43 -5.13
CA ALA B 17 -28.41 -21.83 -5.47
C ALA B 17 -29.29 -22.78 -4.67
N ASP B 18 -29.94 -22.31 -3.63
CA ASP B 18 -30.78 -23.16 -2.78
C ASP B 18 -31.76 -22.25 -2.04
N ALA B 19 -32.62 -22.86 -1.21
CA ALA B 19 -33.70 -22.11 -0.58
C ALA B 19 -33.18 -21.18 0.51
N THR B 20 -32.05 -21.54 1.14
CA THR B 20 -31.39 -20.63 2.08
C THR B 20 -31.02 -19.33 1.40
N GLN B 21 -30.34 -19.43 0.26
CA GLN B 21 -29.87 -18.26 -0.46
C GLN B 21 -31.04 -17.48 -1.06
N ALA B 22 -32.09 -18.17 -1.54
CA ALA B 22 -33.26 -17.47 -2.07
C ALA B 22 -33.99 -16.69 -0.98
N LEU B 23 -34.10 -17.26 0.23
CA LEU B 23 -34.77 -16.55 1.31
C LEU B 23 -34.01 -15.31 1.73
N ALA B 24 -32.67 -15.38 1.74
CA ALA B 24 -31.89 -14.19 2.10
C ALA B 24 -32.03 -13.09 1.04
N VAL B 25 -32.14 -13.46 -0.24
CA VAL B 25 -32.41 -12.45 -1.27
C VAL B 25 -33.79 -11.83 -1.03
N ARG B 26 -34.79 -12.68 -0.74
CA ARG B 26 -36.16 -12.20 -0.59
C ARG B 26 -36.29 -11.18 0.54
N PHE B 27 -35.60 -11.40 1.66
CA PHE B 27 -35.74 -10.53 2.81
C PHE B 27 -34.68 -9.45 2.89
N LYS B 28 -33.94 -9.21 1.82
CA LYS B 28 -32.92 -8.17 1.82
C LYS B 28 -33.52 -6.84 2.28
N PRO B 29 -32.94 -6.19 3.29
CA PRO B 29 -33.54 -4.97 3.84
C PRO B 29 -33.18 -3.75 3.01
N GLN B 30 -33.76 -2.62 3.41
CA GLN B 30 -33.40 -1.30 2.91
C GLN B 30 -32.59 -0.58 3.99
N LEU B 31 -31.62 0.22 3.56
CA LEU B 31 -30.79 0.99 4.47
C LEU B 31 -30.86 2.48 4.12
N ASP B 32 -31.16 3.30 5.12
CA ASP B 32 -31.20 4.76 4.97
C ASP B 32 -29.96 5.31 5.67
N VAL B 33 -28.94 5.65 4.87
CA VAL B 33 -27.72 6.24 5.42
C VAL B 33 -28.00 7.70 5.68
N VAL B 34 -28.15 8.07 6.96
CA VAL B 34 -28.49 9.44 7.32
C VAL B 34 -27.25 10.32 7.30
N ASN B 35 -26.17 9.85 7.94
CA ASN B 35 -24.86 10.49 7.86
C ASN B 35 -23.81 9.40 7.89
N GLY B 36 -22.55 9.81 7.76
CA GLY B 36 -21.46 8.85 7.72
C GLY B 36 -21.25 8.27 6.35
N CYS B 37 -20.47 7.19 6.32
CA CYS B 37 -20.11 6.51 5.09
C CYS B 37 -21.25 5.68 4.51
N GLN B 38 -21.24 5.58 3.19
CA GLN B 38 -21.99 4.54 2.49
C GLN B 38 -21.37 3.18 2.76
N PRO B 39 -22.14 2.09 2.63
CA PRO B 39 -21.55 0.75 2.72
C PRO B 39 -20.63 0.47 1.53
N TYR B 40 -19.54 -0.23 1.81
CA TYR B 40 -18.49 -0.55 0.85
C TYR B 40 -18.22 -2.05 0.91
N PRO B 41 -17.52 -2.60 -0.08
CA PRO B 41 -17.12 -4.01 0.00
C PRO B 41 -15.93 -4.17 0.92
N ALA B 42 -16.00 -5.20 1.77
CA ALA B 42 -14.97 -5.46 2.77
C ALA B 42 -13.99 -6.54 2.36
N VAL B 43 -14.33 -7.36 1.37
CA VAL B 43 -13.56 -8.55 1.06
C VAL B 43 -13.77 -8.89 -0.41
N ASP B 44 -12.76 -9.52 -1.02
CA ASP B 44 -12.87 -9.98 -2.39
C ASP B 44 -12.67 -11.50 -2.43
N PRO B 45 -12.86 -12.14 -3.58
CA PRO B 45 -12.86 -13.61 -3.60
C PRO B 45 -11.50 -14.22 -3.34
N GLN B 46 -10.43 -13.46 -3.48
CA GLN B 46 -9.10 -13.93 -3.12
C GLN B 46 -8.80 -13.76 -1.63
N GLY B 47 -9.72 -13.15 -0.88
CA GLY B 47 -9.51 -12.91 0.53
C GLY B 47 -8.80 -11.63 0.87
N ASN B 48 -8.59 -10.74 -0.09
CA ASN B 48 -8.11 -9.42 0.24
C ASN B 48 -9.20 -8.65 0.98
N THR B 49 -8.80 -7.81 1.95
CA THR B 49 -9.78 -7.06 2.73
C THR B 49 -9.53 -5.56 2.62
N SER B 50 -10.58 -4.80 2.95
CA SER B 50 -10.49 -3.35 2.90
C SER B 50 -9.59 -2.78 4.00
N GLY B 51 -8.72 -1.85 3.61
CA GLY B 51 -7.96 -1.12 4.59
C GLY B 51 -8.70 0.00 5.29
N GLY B 52 -9.96 0.26 4.92
CA GLY B 52 -10.75 1.27 5.60
C GLY B 52 -10.18 2.67 5.39
N LEU B 53 -10.61 3.59 6.25
CA LEU B 53 -10.16 4.98 6.19
C LEU B 53 -9.74 5.43 7.57
N LYS B 54 -8.69 6.25 7.61
CA LYS B 54 -8.26 6.86 8.86
C LYS B 54 -9.23 7.95 9.27
N PRO B 55 -9.70 7.97 10.52
CA PRO B 55 -10.57 9.06 10.99
C PRO B 55 -9.81 10.35 11.27
N ALA B 60 -16.96 12.70 4.69
CA ALA B 60 -17.27 11.41 4.06
C ALA B 60 -16.93 11.39 2.57
N ALA B 61 -16.13 12.34 2.10
CA ALA B 61 -15.88 12.41 0.66
C ALA B 61 -15.14 11.19 0.14
N ALA B 62 -14.38 10.49 0.99
CA ALA B 62 -13.73 9.28 0.54
C ALA B 62 -14.59 8.02 0.68
N CYS B 63 -15.81 8.13 1.22
CA CYS B 63 -16.64 6.94 1.40
C CYS B 63 -18.10 7.21 1.07
N ARG B 64 -18.35 7.94 -0.01
CA ARG B 64 -19.71 8.29 -0.42
C ARG B 64 -20.04 7.80 -1.83
N ASP B 65 -19.21 6.93 -2.39
CA ASP B 65 -19.40 6.48 -3.76
C ASP B 65 -20.48 5.39 -3.78
N MET B 66 -21.66 5.73 -4.30
CA MET B 66 -22.77 4.79 -4.36
C MET B 66 -22.46 3.54 -5.19
N SER B 67 -21.54 3.63 -6.14
CA SER B 67 -21.25 2.47 -6.97
C SER B 67 -20.56 1.34 -6.21
N LYS B 68 -20.03 1.62 -5.01
CA LYS B 68 -19.33 0.63 -4.21
C LYS B 68 -20.26 -0.16 -3.29
N ALA B 69 -21.59 0.04 -3.42
CA ALA B 69 -22.53 -0.53 -2.45
C ALA B 69 -22.46 -2.05 -2.42
N GLN B 70 -22.52 -2.60 -1.20
CA GLN B 70 -22.49 -4.04 -0.95
C GLN B 70 -23.21 -4.29 0.36
N VAL B 71 -23.91 -5.43 0.44
CA VAL B 71 -24.44 -5.93 1.71
C VAL B 71 -24.10 -7.41 1.82
N TYR B 72 -23.93 -7.89 3.05
CA TYR B 72 -23.64 -9.27 3.37
C TYR B 72 -24.80 -9.90 4.12
N SER B 73 -24.86 -11.23 4.08
CA SER B 73 -25.76 -11.93 4.99
C SER B 73 -25.20 -13.29 5.35
N ARG B 74 -25.70 -13.81 6.48
CA ARG B 74 -25.51 -15.18 6.91
C ARG B 74 -26.79 -15.64 7.59
N SER B 75 -27.17 -16.90 7.33
CA SER B 75 -28.42 -17.46 7.82
C SER B 75 -28.16 -18.58 8.81
N GLY B 76 -29.08 -18.73 9.75
CA GLY B 76 -28.97 -19.81 10.72
C GLY B 76 -30.22 -19.89 11.56
N THR B 77 -30.14 -20.68 12.63
CA THR B 77 -31.26 -20.86 13.53
C THR B 77 -30.79 -20.68 14.97
N TYR B 78 -31.71 -20.26 15.83
CA TYR B 78 -31.41 -20.17 17.26
C TYR B 78 -32.71 -20.28 18.04
N ASN B 79 -32.72 -21.15 19.05
CA ASN B 79 -33.80 -21.21 20.04
C ASN B 79 -35.18 -21.42 19.42
N GLY B 80 -35.23 -22.11 18.28
CA GLY B 80 -36.48 -22.38 17.63
C GLY B 80 -36.92 -21.37 16.60
N TYR B 81 -36.10 -20.37 16.29
CA TYR B 81 -36.42 -19.37 15.30
C TYR B 81 -35.37 -19.39 14.20
N TYR B 82 -35.74 -18.85 13.05
CA TYR B 82 -34.85 -18.78 11.88
C TYR B 82 -34.34 -17.36 11.75
N ALA B 83 -33.02 -17.20 11.62
CA ALA B 83 -32.39 -15.88 11.61
C ALA B 83 -31.67 -15.62 10.30
N ILE B 84 -31.91 -14.46 9.72
CA ILE B 84 -31.06 -13.95 8.64
C ILE B 84 -30.38 -12.67 9.16
N MET B 85 -29.06 -12.72 9.32
CA MET B 85 -28.30 -11.54 9.70
C MET B 85 -27.83 -10.83 8.44
N TYR B 86 -28.20 -9.56 8.27
CA TYR B 86 -27.68 -8.73 7.20
C TYR B 86 -26.65 -7.77 7.80
N SER B 87 -25.53 -7.60 7.10
CA SER B 87 -24.42 -6.84 7.67
C SER B 87 -23.84 -5.90 6.63
N TRP B 88 -23.44 -4.71 7.08
CA TRP B 88 -22.78 -3.70 6.24
C TRP B 88 -21.43 -3.35 6.82
N TYR B 89 -20.47 -3.14 5.93
CA TYR B 89 -19.14 -2.64 6.24
C TYR B 89 -19.03 -1.21 5.75
N MET B 90 -18.57 -0.31 6.63
CA MET B 90 -18.20 1.06 6.24
C MET B 90 -16.71 1.30 6.49
N PRO B 91 -16.04 2.06 5.63
CA PRO B 91 -14.58 2.19 5.77
C PRO B 91 -14.14 2.87 7.07
N LYS B 92 -15.02 3.64 7.71
CA LYS B 92 -14.70 4.23 9.01
C LYS B 92 -16.00 4.55 9.74
N ASP B 93 -15.85 4.78 11.05
CA ASP B 93 -16.93 5.24 11.93
C ASP B 93 -16.38 6.47 12.64
N SER B 94 -16.57 7.66 12.05
CA SER B 94 -15.98 8.88 12.57
C SER B 94 -17.03 9.98 12.71
N PRO B 95 -17.62 10.14 13.90
CA PRO B 95 -18.58 11.22 14.13
C PRO B 95 -17.88 12.58 14.18
N GLY B 100 -13.40 9.07 16.06
CA GLY B 100 -13.91 7.74 15.72
C GLY B 100 -12.83 6.72 15.46
N HIS B 101 -13.08 5.79 14.53
CA HIS B 101 -12.09 4.76 14.25
C HIS B 101 -12.21 4.24 12.83
N ARG B 102 -11.10 3.67 12.36
CA ARG B 102 -11.06 2.93 11.11
C ARG B 102 -12.00 1.73 11.20
N HIS B 103 -12.68 1.44 10.09
CA HIS B 103 -13.60 0.31 9.93
C HIS B 103 -14.90 0.48 10.70
N ASP B 104 -15.98 -0.10 10.17
CA ASP B 104 -17.25 -0.20 10.89
C ASP B 104 -17.97 -1.43 10.38
N TRP B 105 -18.49 -2.23 11.30
CA TRP B 105 -19.30 -3.39 10.97
C TRP B 105 -20.59 -3.30 11.75
N GLU B 106 -21.72 -3.32 11.05
CA GLU B 106 -23.03 -3.26 11.67
C GLU B 106 -23.86 -4.41 11.14
N ASN B 107 -24.88 -4.79 11.88
CA ASN B 107 -25.75 -5.87 11.39
C ASN B 107 -27.14 -5.75 11.99
N VAL B 108 -28.13 -6.16 11.19
CA VAL B 108 -29.51 -6.35 11.64
C VAL B 108 -29.84 -7.82 11.48
N VAL B 109 -30.56 -8.38 12.45
CA VAL B 109 -31.05 -9.75 12.37
C VAL B 109 -32.55 -9.68 12.13
N VAL B 110 -33.01 -10.33 11.06
CA VAL B 110 -34.42 -10.53 10.78
C VAL B 110 -34.80 -11.90 11.31
N TRP B 111 -35.72 -11.95 12.27
CA TRP B 111 -36.14 -13.20 12.89
C TRP B 111 -37.45 -13.67 12.28
N LEU B 112 -37.47 -14.91 11.80
CA LEU B 112 -38.68 -15.53 11.24
C LEU B 112 -39.13 -16.68 12.13
N ASP B 113 -40.45 -16.97 12.13
CA ASP B 113 -40.91 -18.11 12.91
C ASP B 113 -40.31 -19.39 12.37
N ASN B 114 -40.29 -19.58 11.06
CA ASN B 114 -39.51 -20.63 10.42
C ASN B 114 -39.31 -20.22 8.96
N ALA B 115 -38.44 -20.97 8.27
CA ALA B 115 -38.03 -20.56 6.93
C ALA B 115 -39.10 -20.79 5.88
N ALA B 116 -40.14 -21.57 6.18
CA ALA B 116 -41.21 -21.84 5.23
C ALA B 116 -42.34 -20.83 5.40
N SER B 117 -42.91 -20.77 6.61
CA SER B 117 -43.90 -19.73 6.91
C SER B 117 -43.30 -18.35 6.68
N ALA B 118 -42.09 -18.11 7.18
CA ALA B 118 -41.34 -16.88 6.92
C ALA B 118 -42.11 -15.63 7.36
N ASN B 119 -42.76 -15.71 8.52
CA ASN B 119 -43.36 -14.54 9.14
C ASN B 119 -42.32 -13.85 10.01
N ILE B 120 -42.19 -12.53 9.86
CA ILE B 120 -41.22 -11.79 10.65
C ILE B 120 -41.76 -11.65 12.07
N VAL B 121 -41.00 -12.16 13.05
CA VAL B 121 -41.45 -12.11 14.43
C VAL B 121 -40.73 -10.99 15.19
N ALA B 122 -39.52 -10.63 14.75
CA ALA B 122 -38.74 -9.62 15.45
C ALA B 122 -37.61 -9.12 14.55
N LEU B 123 -37.10 -7.93 14.90
CA LEU B 123 -35.91 -7.35 14.29
C LEU B 123 -34.95 -6.91 15.38
N SER B 124 -33.65 -7.16 15.16
CA SER B 124 -32.58 -6.75 16.07
C SER B 124 -31.55 -5.95 15.29
N ALA B 125 -31.24 -4.74 15.74
CA ALA B 125 -30.31 -3.88 15.00
C ALA B 125 -29.14 -3.51 15.91
N SER B 126 -27.92 -3.64 15.37
CA SER B 126 -26.73 -3.44 16.19
C SER B 126 -26.60 -1.96 16.57
N ALA B 127 -26.30 -1.71 17.84
CA ALA B 127 -26.14 -0.36 18.34
C ALA B 127 -25.00 -0.34 19.33
N HIS B 128 -24.41 0.86 19.49
CA HIS B 128 -23.26 1.11 20.36
C HIS B 128 -23.14 0.13 21.51
N SER B 129 -24.20 -0.04 22.28
CA SER B 129 -24.23 -0.95 23.43
C SER B 129 -25.27 -2.04 23.18
N GLY B 130 -24.96 -2.96 22.27
CA GLY B 130 -25.70 -4.21 22.15
C GLY B 130 -26.61 -4.23 20.92
N TYR B 131 -27.87 -4.59 21.13
CA TYR B 131 -28.86 -4.66 20.06
C TYR B 131 -30.12 -3.92 20.47
N LYS B 132 -30.60 -3.05 19.58
CA LYS B 132 -31.98 -2.58 19.66
C LYS B 132 -32.89 -3.69 19.13
N LYS B 133 -34.02 -3.89 19.80
CA LYS B 133 -34.92 -4.98 19.45
C LYS B 133 -36.34 -4.47 19.27
N SER B 134 -36.96 -4.85 18.15
CA SER B 134 -38.36 -4.56 17.86
C SER B 134 -39.09 -5.90 17.92
N PHE B 135 -39.77 -6.15 19.05
CA PHE B 135 -40.45 -7.43 19.27
C PHE B 135 -41.72 -7.21 20.09
N PRO B 136 -42.90 -7.56 19.55
CA PRO B 136 -43.10 -8.05 18.18
C PRO B 136 -42.70 -6.99 17.16
N ALA B 137 -42.37 -7.40 15.93
CA ALA B 137 -41.83 -6.46 14.96
C ALA B 137 -42.85 -5.36 14.67
N ASP B 138 -42.41 -4.10 14.80
CA ASP B 138 -43.25 -2.96 14.48
C ASP B 138 -43.42 -2.87 12.96
N LYS B 139 -44.68 -2.96 12.50
CA LYS B 139 -44.92 -2.98 11.06
C LYS B 139 -44.62 -1.65 10.39
N SER B 140 -44.53 -0.56 11.15
CA SER B 140 -44.11 0.70 10.57
C SER B 140 -42.64 0.66 10.14
N TYR B 141 -41.89 -0.35 10.57
CA TYR B 141 -40.51 -0.55 10.14
C TYR B 141 -40.40 -1.53 8.98
N LEU B 142 -41.53 -1.99 8.43
CA LEU B 142 -41.53 -2.95 7.35
C LEU B 142 -42.24 -2.38 6.14
N ASP B 143 -41.59 -2.49 5.00
CA ASP B 143 -42.20 -2.24 3.70
C ASP B 143 -42.48 -3.63 3.11
N GLY B 144 -43.70 -4.13 3.30
CA GLY B 144 -43.98 -5.52 2.99
C GLY B 144 -43.21 -6.41 3.94
N ILE B 145 -42.25 -7.18 3.41
CA ILE B 145 -41.35 -7.98 4.24
C ILE B 145 -39.94 -7.38 4.26
N THR B 146 -39.77 -6.17 3.75
CA THR B 146 -38.47 -5.52 3.63
C THR B 146 -38.27 -4.59 4.82
N ALA B 147 -37.34 -4.95 5.70
CA ALA B 147 -37.09 -4.13 6.88
C ALA B 147 -36.43 -2.80 6.49
N LYS B 148 -36.83 -1.73 7.17
CA LYS B 148 -36.32 -0.38 6.90
C LYS B 148 -35.38 0.01 8.03
N ILE B 149 -34.09 0.08 7.71
CA ILE B 149 -33.04 0.30 8.69
C ILE B 149 -32.39 1.64 8.43
N SER B 150 -31.93 2.29 9.51
CA SER B 150 -31.18 3.53 9.42
C SER B 150 -29.74 3.34 9.87
N TYR B 151 -28.84 4.17 9.35
CA TYR B 151 -27.44 4.21 9.78
C TYR B 151 -27.11 5.66 10.08
N LYS B 152 -26.76 5.95 11.33
CA LYS B 152 -26.70 7.34 11.75
C LYS B 152 -25.89 7.42 13.03
N SER B 153 -25.10 8.49 13.15
CA SER B 153 -24.46 8.85 14.42
C SER B 153 -25.18 10.02 15.05
N THR B 154 -25.39 9.93 16.36
CA THR B 154 -26.02 11.01 17.12
C THR B 154 -25.09 11.49 18.23
N ASP B 158 -21.23 7.11 18.14
CA ASP B 158 -20.80 6.38 16.95
C ASP B 158 -21.97 6.11 16.00
N HIS B 159 -21.67 5.89 14.72
CA HIS B 159 -22.71 5.53 13.76
C HIS B 159 -23.24 4.14 14.09
N GLU B 160 -24.54 4.04 14.33
CA GLU B 160 -25.16 2.79 14.71
C GLU B 160 -26.42 2.56 13.87
N LEU B 161 -26.90 1.33 13.89
CA LEU B 161 -28.14 1.03 13.19
C LEU B 161 -29.34 1.36 14.08
N GLY B 162 -30.48 1.50 13.43
CA GLY B 162 -31.75 1.69 14.10
C GLY B 162 -32.85 1.35 13.13
N PHE B 163 -34.08 1.38 13.63
CA PHE B 163 -35.26 1.15 12.80
C PHE B 163 -35.83 2.50 12.38
N THR B 164 -36.41 2.54 11.18
CA THR B 164 -36.92 3.79 10.65
C THR B 164 -38.17 3.53 9.82
N THR B 165 -39.01 4.56 9.71
CA THR B 165 -40.13 4.52 8.78
C THR B 165 -39.76 5.06 7.41
N SER B 166 -38.54 5.59 7.25
CA SER B 166 -38.12 6.16 5.98
C SER B 166 -37.67 5.06 5.02
N ALA B 167 -38.05 5.22 3.76
CA ALA B 167 -37.56 4.32 2.72
C ALA B 167 -36.04 4.43 2.63
N GLY B 168 -35.40 3.32 2.26
CA GLY B 168 -33.96 3.30 2.15
C GLY B 168 -33.53 2.69 0.84
N LYS B 169 -32.23 2.44 0.67
CA LYS B 169 -31.68 1.89 -0.56
C LYS B 169 -31.21 0.46 -0.34
N GLN B 170 -31.08 -0.28 -1.43
CA GLN B 170 -30.60 -1.65 -1.38
C GLN B 170 -29.26 -1.79 -2.10
N GLN B 171 -28.55 -2.86 -1.78
CA GLN B 171 -27.21 -3.12 -2.26
C GLN B 171 -27.12 -4.54 -2.81
N PRO B 172 -26.17 -4.79 -3.71
CA PRO B 172 -25.94 -6.19 -4.13
C PRO B 172 -25.53 -7.04 -2.93
N LEU B 173 -26.18 -8.18 -2.78
CA LEU B 173 -25.98 -9.08 -1.64
C LEU B 173 -25.05 -10.23 -2.02
N ILE B 174 -23.98 -10.41 -1.25
CA ILE B 174 -23.20 -11.64 -1.32
C ILE B 174 -23.28 -12.30 0.07
N GLN B 175 -23.70 -13.55 0.09
CA GLN B 175 -23.93 -14.27 1.33
C GLN B 175 -22.69 -15.04 1.75
N TRP B 176 -22.51 -15.17 3.07
CA TRP B 176 -21.44 -16.01 3.61
C TRP B 176 -21.44 -17.37 2.93
N GLU B 177 -22.65 -17.92 2.72
CA GLU B 177 -22.83 -19.21 2.10
C GLU B 177 -22.39 -19.27 0.64
N GLN B 178 -22.22 -18.11 -0.01
CA GLN B 178 -21.86 -18.01 -1.42
C GLN B 178 -20.40 -17.57 -1.63
N MET B 179 -19.70 -17.20 -0.56
CA MET B 179 -18.34 -16.72 -0.66
C MET B 179 -17.36 -17.86 -0.96
N THR B 180 -16.20 -17.49 -1.49
CA THR B 180 -15.10 -18.44 -1.55
C THR B 180 -14.59 -18.76 -0.15
N GLN B 181 -13.89 -19.88 -0.02
CA GLN B 181 -13.28 -20.20 1.26
C GLN B 181 -12.26 -19.14 1.67
N ALA B 182 -11.53 -18.59 0.70
CA ALA B 182 -10.53 -17.56 1.02
C ALA B 182 -11.20 -16.33 1.63
N ALA B 183 -12.38 -15.96 1.14
CA ALA B 183 -13.07 -14.79 1.68
C ALA B 183 -13.58 -15.06 3.08
N ARG B 184 -14.14 -16.25 3.31
CA ARG B 184 -14.56 -16.60 4.67
C ARG B 184 -13.37 -16.67 5.62
N ASP B 185 -12.24 -17.27 5.17
CA ASP B 185 -11.05 -17.33 6.03
C ASP B 185 -10.54 -15.93 6.37
N ALA B 186 -10.53 -15.02 5.39
CA ALA B 186 -10.04 -13.67 5.64
C ALA B 186 -10.97 -12.91 6.59
N LEU B 187 -12.29 -13.09 6.47
CA LEU B 187 -13.19 -12.43 7.39
C LEU B 187 -13.07 -13.01 8.80
N GLU B 188 -12.70 -14.29 8.91
CA GLU B 188 -12.53 -14.91 10.23
C GLU B 188 -11.29 -14.37 10.93
N SER B 189 -10.20 -14.18 10.18
CA SER B 189 -8.88 -13.94 10.77
C SER B 189 -8.45 -12.48 10.79
N THR B 190 -9.07 -11.61 10.00
CA THR B 190 -8.57 -10.25 9.82
C THR B 190 -8.91 -9.38 11.02
N ASP B 191 -7.93 -8.56 11.44
CA ASP B 191 -8.11 -7.61 12.52
C ASP B 191 -8.73 -6.35 11.95
N PHE B 192 -10.03 -6.14 12.24
CA PHE B 192 -10.70 -4.90 11.89
C PHE B 192 -10.67 -3.89 13.03
N GLY B 193 -9.77 -4.07 14.00
CA GLY B 193 -9.54 -3.04 14.99
C GLY B 193 -10.68 -2.89 15.97
N ASN B 194 -11.31 -1.71 15.99
CA ASN B 194 -12.44 -1.48 16.86
C ASN B 194 -13.73 -2.09 16.32
N ALA B 195 -13.76 -2.50 15.05
CA ALA B 195 -14.90 -3.16 14.46
C ALA B 195 -14.70 -4.67 14.44
N ASN B 196 -15.81 -5.40 14.42
CA ASN B 196 -15.79 -6.86 14.42
C ASN B 196 -16.79 -7.41 13.42
N VAL B 197 -16.31 -8.25 12.51
CA VAL B 197 -17.19 -9.02 11.62
C VAL B 197 -18.20 -9.76 12.52
N PRO B 198 -19.50 -9.56 12.33
CA PRO B 198 -20.47 -10.21 13.23
C PRO B 198 -21.03 -11.54 12.74
N PHE B 199 -20.57 -12.05 11.59
CA PHE B 199 -21.11 -13.30 11.05
C PHE B 199 -20.00 -14.31 10.79
N LYS B 200 -18.88 -14.20 11.51
CA LYS B 200 -17.81 -15.19 11.42
C LYS B 200 -18.04 -16.26 12.48
N SER B 201 -16.98 -16.82 13.09
CA SER B 201 -17.21 -17.88 14.07
C SER B 201 -18.01 -17.41 15.29
N ASN B 202 -18.20 -16.09 15.47
CA ASN B 202 -19.02 -15.51 16.52
C ASN B 202 -20.50 -15.46 16.16
N PHE B 203 -20.89 -15.99 15.00
CA PHE B 203 -22.26 -15.82 14.50
C PHE B 203 -23.29 -16.28 15.52
N GLN B 204 -23.16 -17.50 16.04
CA GLN B 204 -24.13 -17.99 17.00
C GLN B 204 -24.10 -17.16 18.28
N ASP B 205 -22.90 -16.75 18.71
CA ASP B 205 -22.81 -15.87 19.88
C ASP B 205 -23.59 -14.59 19.63
N LYS B 206 -23.45 -13.99 18.46
CA LYS B 206 -24.20 -12.77 18.15
C LYS B 206 -25.70 -13.01 18.11
N LEU B 207 -26.14 -14.17 17.60
CA LEU B 207 -27.56 -14.48 17.61
C LEU B 207 -28.11 -14.51 19.03
N VAL B 208 -27.32 -15.04 19.97
CA VAL B 208 -27.75 -15.04 21.37
C VAL B 208 -27.95 -13.63 21.88
N LYS B 209 -27.07 -12.72 21.51
CA LYS B 209 -27.18 -11.37 21.94
C LYS B 209 -28.31 -10.65 21.26
N ALA B 210 -28.57 -11.01 20.02
CA ALA B 210 -29.67 -10.37 19.31
C ALA B 210 -31.03 -10.95 19.64
N PHE B 211 -31.09 -12.08 20.35
CA PHE B 211 -32.36 -12.75 20.58
C PHE B 211 -33.29 -11.86 21.41
N PHE B 212 -34.58 -12.03 21.17
CA PHE B 212 -35.60 -11.05 21.56
C PHE B 212 -36.40 -11.45 22.79
N GLN B 213 -36.13 -12.61 23.37
CA GLN B 213 -36.91 -13.07 24.52
C GLN B 213 -36.00 -13.46 25.67
N ALA C 1 -24.75 21.41 -13.78
CA ALA C 1 -23.96 22.11 -12.77
C ALA C 1 -23.01 21.15 -12.06
N VAL C 2 -22.72 21.38 -10.78
CA VAL C 2 -21.69 20.62 -10.06
C VAL C 2 -22.30 19.36 -9.47
N ILE C 3 -21.62 18.22 -9.66
CA ILE C 3 -22.00 16.96 -9.03
C ILE C 3 -20.81 16.41 -8.26
N ASN C 4 -21.08 15.42 -7.41
CA ASN C 4 -20.02 14.88 -6.56
C ASN C 4 -18.87 14.34 -7.41
N HIS C 5 -17.64 14.53 -6.92
CA HIS C 5 -16.45 14.18 -7.71
C HIS C 5 -16.44 12.70 -8.07
N ASP C 6 -16.90 11.83 -7.17
CA ASP C 6 -16.88 10.40 -7.43
C ASP C 6 -18.13 9.92 -8.14
N ALA C 7 -19.07 10.82 -8.45
CA ALA C 7 -20.27 10.46 -9.19
C ALA C 7 -20.18 10.81 -10.67
N VAL C 8 -19.15 11.52 -11.10
CA VAL C 8 -18.97 11.79 -12.52
C VAL C 8 -18.62 10.49 -13.23
N PRO C 9 -19.38 10.06 -14.22
CA PRO C 9 -19.06 8.80 -14.90
C PRO C 9 -17.81 8.95 -15.76
N VAL C 10 -17.03 7.86 -15.86
CA VAL C 10 -15.97 7.79 -16.86
C VAL C 10 -16.60 7.76 -18.25
N TRP C 11 -16.17 8.66 -19.11
CA TRP C 11 -16.63 8.68 -20.50
C TRP C 11 -15.88 7.60 -21.27
N PRO C 12 -16.56 6.59 -21.83
CA PRO C 12 -15.84 5.53 -22.55
C PRO C 12 -15.11 6.07 -23.76
N GLN C 13 -13.94 5.52 -24.02
CA GLN C 13 -13.19 5.89 -25.22
C GLN C 13 -13.88 5.33 -26.47
N PRO C 14 -14.39 6.17 -27.37
CA PRO C 14 -15.03 5.68 -28.59
C PRO C 14 -13.99 5.28 -29.63
N GLU C 15 -14.48 4.73 -30.74
CA GLU C 15 -13.60 4.51 -31.87
C GLU C 15 -13.27 5.86 -32.51
N PRO C 16 -12.05 6.03 -33.00
CA PRO C 16 -11.69 7.32 -33.61
C PRO C 16 -12.37 7.49 -34.96
N ALA C 17 -13.13 8.57 -35.12
CA ALA C 17 -13.97 8.77 -36.30
C ALA C 17 -13.23 9.39 -37.48
N ASP C 18 -12.00 9.87 -37.28
CA ASP C 18 -11.27 10.55 -38.35
C ASP C 18 -9.80 10.54 -37.97
N ALA C 19 -8.97 11.16 -38.81
CA ALA C 19 -7.52 11.08 -38.58
C ALA C 19 -7.10 11.91 -37.37
N THR C 20 -7.76 13.03 -37.12
CA THR C 20 -7.52 13.78 -35.88
C THR C 20 -7.67 12.88 -34.67
N GLN C 21 -8.81 12.19 -34.58
CA GLN C 21 -9.06 11.36 -33.41
C GLN C 21 -8.15 10.13 -33.39
N ALA C 22 -7.82 9.56 -34.55
CA ALA C 22 -6.95 8.40 -34.56
C ALA C 22 -5.54 8.76 -34.11
N LEU C 23 -5.06 9.95 -34.51
CA LEU C 23 -3.74 10.40 -34.10
C LEU C 23 -3.69 10.61 -32.58
N ALA C 24 -4.74 11.19 -32.01
CA ALA C 24 -4.74 11.41 -30.56
C ALA C 24 -4.78 10.08 -29.80
N VAL C 25 -5.46 9.07 -30.34
CA VAL C 25 -5.38 7.74 -29.71
C VAL C 25 -3.96 7.20 -29.82
N ARG C 26 -3.36 7.30 -31.01
CA ARG C 26 -2.07 6.66 -31.23
C ARG C 26 -0.99 7.25 -30.32
N PHE C 27 -1.00 8.56 -30.10
CA PHE C 27 0.02 9.22 -29.30
C PHE C 27 -0.36 9.37 -27.82
N LYS C 28 -1.38 8.65 -27.35
CA LYS C 28 -1.80 8.78 -25.97
C LYS C 28 -0.62 8.53 -25.02
N PRO C 29 -0.33 9.44 -24.10
CA PRO C 29 0.86 9.25 -23.25
C PRO C 29 0.61 8.26 -22.12
N GLN C 30 1.69 7.96 -21.41
CA GLN C 30 1.67 7.28 -20.12
C GLN C 30 1.84 8.30 -19.01
N LEU C 31 1.17 8.05 -17.88
CA LEU C 31 1.20 8.96 -16.75
C LEU C 31 1.60 8.18 -15.51
N ASP C 32 2.70 8.60 -14.87
CA ASP C 32 3.18 8.00 -13.63
C ASP C 32 2.82 8.95 -12.48
N VAL C 33 1.75 8.61 -11.76
CA VAL C 33 1.30 9.42 -10.63
C VAL C 33 2.14 9.04 -9.42
N VAL C 34 3.09 9.90 -9.06
CA VAL C 34 4.02 9.59 -7.98
C VAL C 34 3.40 9.91 -6.63
N ASN C 35 2.67 11.00 -6.53
CA ASN C 35 1.90 11.33 -5.34
C ASN C 35 0.74 12.22 -5.77
N GLY C 36 -0.11 12.58 -4.81
CA GLY C 36 -1.30 13.33 -5.14
C GLY C 36 -2.42 12.44 -5.67
N CYS C 37 -3.40 13.10 -6.27
CA CYS C 37 -4.59 12.42 -6.78
C CYS C 37 -4.30 11.70 -8.09
N GLN C 38 -5.07 10.63 -8.31
CA GLN C 38 -5.24 10.04 -9.62
C GLN C 38 -6.10 10.97 -10.48
N PRO C 39 -5.98 10.86 -11.81
CA PRO C 39 -6.88 11.61 -12.70
C PRO C 39 -8.31 11.08 -12.60
N TYR C 40 -9.27 12.00 -12.62
CA TYR C 40 -10.70 11.73 -12.49
C TYR C 40 -11.45 12.36 -13.66
N PRO C 41 -12.70 11.97 -13.87
CA PRO C 41 -13.50 12.64 -14.91
C PRO C 41 -14.03 13.98 -14.42
N ALA C 42 -13.91 15.00 -15.27
CA ALA C 42 -14.32 16.35 -14.89
C ALA C 42 -15.70 16.74 -15.39
N VAL C 43 -16.27 15.99 -16.34
CA VAL C 43 -17.50 16.42 -17.00
C VAL C 43 -18.24 15.17 -17.49
N ASP C 44 -19.57 15.27 -17.54
CA ASP C 44 -20.39 14.20 -18.11
C ASP C 44 -21.04 14.69 -19.40
N PRO C 45 -21.67 13.81 -20.18
CA PRO C 45 -22.21 14.25 -21.48
C PRO C 45 -23.34 15.27 -21.40
N GLN C 46 -23.94 15.45 -20.22
CA GLN C 46 -24.97 16.44 -20.01
C GLN C 46 -24.41 17.80 -19.59
N GLY C 47 -23.10 17.89 -19.40
CA GLY C 47 -22.48 19.14 -18.98
C GLY C 47 -22.38 19.35 -17.49
N ASN C 48 -22.73 18.36 -16.68
CA ASN C 48 -22.42 18.47 -15.27
C ASN C 48 -20.91 18.30 -15.06
N THR C 49 -20.38 19.00 -14.07
CA THR C 49 -18.93 19.00 -13.82
C THR C 49 -18.63 18.55 -12.40
N SER C 50 -17.39 18.11 -12.21
CA SER C 50 -16.94 17.65 -10.90
C SER C 50 -16.89 18.79 -9.88
N GLY C 51 -17.39 18.50 -8.68
CA GLY C 51 -17.21 19.42 -7.57
C GLY C 51 -15.83 19.39 -6.95
N GLY C 52 -14.96 18.45 -7.35
CA GLY C 52 -13.64 18.39 -6.75
C GLY C 52 -13.67 18.07 -5.25
N LEU C 53 -12.56 18.40 -4.59
CA LEU C 53 -12.37 18.11 -3.18
C LEU C 53 -11.77 19.33 -2.50
N LYS C 54 -12.21 19.57 -1.27
CA LYS C 54 -11.56 20.56 -0.42
C LYS C 54 -10.11 20.13 -0.17
N PRO C 55 -9.18 21.08 -0.07
CA PRO C 55 -7.80 20.68 0.20
C PRO C 55 -7.60 20.30 1.66
N ALA C 60 -4.62 11.19 -0.06
CA ALA C 60 -5.35 11.14 -1.32
C ALA C 60 -6.47 10.09 -1.31
N ALA C 61 -6.97 9.74 -0.12
CA ALA C 61 -7.88 8.61 -0.01
C ALA C 61 -9.19 8.85 -0.76
N ALA C 62 -9.59 10.10 -0.94
CA ALA C 62 -10.81 10.42 -1.67
C ALA C 62 -10.58 10.57 -3.17
N CYS C 63 -9.34 10.46 -3.65
CA CYS C 63 -9.06 10.68 -5.06
C CYS C 63 -8.00 9.71 -5.60
N ARG C 64 -8.06 8.45 -5.16
CA ARG C 64 -7.08 7.44 -5.59
C ARG C 64 -7.73 6.25 -6.28
N ASP C 65 -9.00 6.37 -6.68
CA ASP C 65 -9.72 5.25 -7.27
C ASP C 65 -9.32 5.10 -8.74
N MET C 66 -8.57 4.02 -9.04
CA MET C 66 -8.09 3.80 -10.40
C MET C 66 -9.22 3.60 -11.39
N SER C 67 -10.40 3.19 -10.92
CA SER C 67 -11.50 2.95 -11.84
C SER C 67 -12.06 4.25 -12.40
N LYS C 68 -11.72 5.39 -11.81
CA LYS C 68 -12.21 6.67 -12.28
C LYS C 68 -11.32 7.29 -13.34
N ALA C 69 -10.31 6.56 -13.82
CA ALA C 69 -9.31 7.14 -14.70
C ALA C 69 -9.93 7.71 -15.98
N GLN C 70 -9.44 8.90 -16.36
CA GLN C 70 -9.86 9.58 -17.57
C GLN C 70 -8.70 10.46 -18.01
N VAL C 71 -8.56 10.61 -19.33
CA VAL C 71 -7.69 11.62 -19.90
C VAL C 71 -8.45 12.31 -21.01
N TYR C 72 -8.07 13.55 -21.30
CA TYR C 72 -8.68 14.39 -22.33
C TYR C 72 -7.63 14.76 -23.37
N SER C 73 -8.10 15.10 -24.57
CA SER C 73 -7.19 15.73 -25.52
C SER C 73 -7.94 16.71 -26.41
N ARG C 74 -7.17 17.59 -27.03
CA ARG C 74 -7.62 18.47 -28.09
C ARG C 74 -6.44 18.68 -29.02
N SER C 75 -6.73 18.72 -30.32
CA SER C 75 -5.69 18.78 -31.33
C SER C 75 -5.79 20.05 -32.14
N GLY C 76 -4.64 20.54 -32.59
CA GLY C 76 -4.64 21.74 -33.41
C GLY C 76 -3.29 21.99 -34.02
N THR C 77 -3.13 23.17 -34.60
CA THR C 77 -1.88 23.54 -35.26
C THR C 77 -1.40 24.89 -34.72
N TYR C 78 -0.07 25.06 -34.70
CA TYR C 78 0.52 26.35 -34.41
C TYR C 78 1.85 26.48 -35.14
N ASN C 79 2.00 27.59 -35.88
CA ASN C 79 3.28 27.93 -36.50
C ASN C 79 3.81 26.83 -37.41
N GLY C 80 2.90 26.12 -38.09
CA GLY C 80 3.28 25.08 -39.00
C GLY C 80 3.37 23.70 -38.37
N TYR C 81 3.43 23.61 -37.05
CA TYR C 81 3.52 22.34 -36.36
C TYR C 81 2.13 21.87 -35.93
N TYR C 82 2.01 20.56 -35.76
CA TYR C 82 0.77 19.92 -35.32
C TYR C 82 0.90 19.56 -33.84
N ALA C 83 -0.11 19.94 -33.05
CA ALA C 83 -0.06 19.81 -31.60
C ALA C 83 -1.20 18.91 -31.12
N ILE C 84 -0.87 17.94 -30.27
CA ILE C 84 -1.90 17.19 -29.55
C ILE C 84 -1.70 17.49 -28.07
N MET C 85 -2.67 18.17 -27.46
CA MET C 85 -2.60 18.48 -26.03
C MET C 85 -3.36 17.40 -25.27
N TYR C 86 -2.70 16.71 -24.35
CA TYR C 86 -3.35 15.77 -23.44
C TYR C 86 -3.48 16.43 -22.08
N SER C 87 -4.63 16.24 -21.43
CA SER C 87 -4.90 16.98 -20.20
C SER C 87 -5.56 16.06 -19.19
N TRP C 88 -5.20 16.23 -17.92
CA TRP C 88 -5.77 15.47 -16.82
C TRP C 88 -6.40 16.42 -15.80
N TYR C 89 -7.53 16.00 -15.26
CA TYR C 89 -8.21 16.68 -14.15
C TYR C 89 -8.01 15.86 -12.88
N MET C 90 -7.53 16.53 -11.80
CA MET C 90 -7.50 15.95 -10.48
C MET C 90 -8.47 16.69 -9.57
N PRO C 91 -9.13 16.01 -8.63
CA PRO C 91 -10.11 16.70 -7.79
C PRO C 91 -9.52 17.76 -6.87
N LYS C 92 -8.24 17.70 -6.54
CA LYS C 92 -7.61 18.74 -5.74
C LYS C 92 -6.12 18.73 -6.03
N ASP C 93 -5.45 19.83 -5.65
CA ASP C 93 -4.00 19.93 -5.69
C ASP C 93 -3.56 20.40 -4.31
N SER C 94 -3.18 19.46 -3.45
CA SER C 94 -2.98 19.73 -2.03
C SER C 94 -1.72 19.03 -1.55
N PRO C 95 -0.57 19.72 -1.50
CA PRO C 95 0.69 19.05 -1.15
C PRO C 95 0.78 18.63 0.31
N SER C 96 0.03 19.29 1.19
CA SER C 96 -0.15 18.82 2.56
C SER C 96 -1.46 19.38 3.09
N THR C 97 -1.84 18.91 4.28
CA THR C 97 -3.11 19.29 4.89
C THR C 97 -3.31 20.80 4.87
N GLY C 98 -4.50 21.23 4.47
CA GLY C 98 -4.81 22.64 4.40
C GLY C 98 -4.06 23.43 3.36
N ILE C 99 -3.10 22.83 2.66
CA ILE C 99 -2.33 23.51 1.62
C ILE C 99 -2.95 23.17 0.27
N GLY C 100 -2.95 24.12 -0.64
CA GLY C 100 -3.40 23.89 -1.99
C GLY C 100 -4.84 24.31 -2.21
N HIS C 101 -5.45 23.72 -3.24
CA HIS C 101 -6.78 24.17 -3.64
C HIS C 101 -7.60 23.03 -4.24
N ARG C 102 -8.92 23.24 -4.20
CA ARG C 102 -9.85 22.43 -4.97
C ARG C 102 -9.51 22.52 -6.46
N HIS C 103 -9.64 21.37 -7.15
CA HIS C 103 -9.43 21.22 -8.60
C HIS C 103 -7.96 21.31 -9.02
N ASP C 104 -7.61 20.59 -10.07
CA ASP C 104 -6.32 20.69 -10.73
C ASP C 104 -6.51 20.34 -12.20
N TRP C 105 -5.89 21.12 -13.08
CA TRP C 105 -5.84 20.82 -14.50
C TRP C 105 -4.38 20.90 -14.93
N GLU C 106 -3.87 19.82 -15.53
CA GLU C 106 -2.52 19.76 -16.05
C GLU C 106 -2.59 19.35 -17.51
N ASN C 107 -1.56 19.69 -18.28
CA ASN C 107 -1.56 19.26 -19.67
C ASN C 107 -0.14 19.09 -20.21
N VAL C 108 0.01 18.15 -21.14
CA VAL C 108 1.22 17.98 -21.94
C VAL C 108 0.86 18.17 -23.41
N VAL C 109 1.74 18.83 -24.17
CA VAL C 109 1.57 19.00 -25.60
C VAL C 109 2.60 18.13 -26.30
N VAL C 110 2.14 17.23 -27.18
CA VAL C 110 3.01 16.46 -28.06
C VAL C 110 3.03 17.20 -29.39
N TRP C 111 4.21 17.64 -29.80
CA TRP C 111 4.38 18.44 -31.02
C TRP C 111 4.88 17.54 -32.14
N LEU C 112 4.16 17.53 -33.26
CA LEU C 112 4.56 16.77 -34.45
C LEU C 112 4.97 17.73 -35.55
N ASP C 113 5.86 17.26 -36.44
CA ASP C 113 6.23 18.13 -37.55
C ASP C 113 5.01 18.44 -38.43
N ASN C 114 4.21 17.43 -38.75
CA ASN C 114 2.88 17.63 -39.30
C ASN C 114 2.10 16.35 -39.03
N ALA C 115 0.80 16.38 -39.31
CA ALA C 115 -0.05 15.27 -38.92
C ALA C 115 0.14 14.05 -39.81
N ALA C 116 0.77 14.20 -40.96
CA ALA C 116 1.04 13.07 -41.86
C ALA C 116 2.36 12.40 -41.53
N SER C 117 3.46 13.16 -41.55
CA SER C 117 4.75 12.61 -41.15
C SER C 117 4.71 12.12 -39.71
N ALA C 118 4.09 12.91 -38.84
CA ALA C 118 3.83 12.52 -37.45
C ALA C 118 5.12 12.11 -36.73
N ASN C 119 6.19 12.89 -36.92
CA ASN C 119 7.41 12.76 -36.15
C ASN C 119 7.35 13.68 -34.93
N ILE C 120 7.60 13.11 -33.75
CA ILE C 120 7.64 13.92 -32.54
C ILE C 120 8.87 14.83 -32.57
N VAL C 121 8.63 16.14 -32.53
CA VAL C 121 9.72 17.11 -32.53
C VAL C 121 10.01 17.68 -31.14
N ALA C 122 9.03 17.68 -30.24
CA ALA C 122 9.20 18.27 -28.91
C ALA C 122 8.04 17.83 -28.04
N LEU C 123 8.27 17.91 -26.73
CA LEU C 123 7.23 17.75 -25.71
C LEU C 123 7.22 18.97 -24.81
N SER C 124 6.03 19.39 -24.38
CA SER C 124 5.88 20.47 -23.41
C SER C 124 4.97 20.01 -22.28
N ALA C 125 5.42 20.15 -21.03
CA ALA C 125 4.66 19.68 -19.88
C ALA C 125 4.36 20.81 -18.91
N SER C 126 3.10 20.94 -18.49
CA SER C 126 2.69 22.06 -17.66
C SER C 126 3.33 22.02 -16.28
N ALA C 127 3.82 23.18 -15.83
CA ALA C 127 4.46 23.33 -14.54
C ALA C 127 4.18 24.73 -14.02
N HIS C 128 4.51 24.95 -12.74
CA HIS C 128 4.20 26.22 -12.05
C HIS C 128 4.41 27.46 -12.92
N GLY C 130 4.18 27.90 -16.18
CA GLY C 130 4.77 27.73 -17.49
C GLY C 130 4.79 26.30 -18.01
N TYR C 131 5.72 26.02 -18.92
CA TYR C 131 5.88 24.70 -19.50
C TYR C 131 7.33 24.28 -19.45
N LYS C 132 7.58 23.04 -18.99
CA LYS C 132 8.86 22.39 -19.21
C LYS C 132 8.90 21.87 -20.65
N LYS C 133 10.06 21.97 -21.28
CA LYS C 133 10.17 21.64 -22.69
C LYS C 133 11.30 20.65 -22.92
N SER C 134 11.02 19.65 -23.75
CA SER C 134 12.03 18.68 -24.20
C SER C 134 12.12 18.83 -25.71
N PHE C 135 13.19 19.48 -26.18
CA PHE C 135 13.35 19.83 -27.58
C PHE C 135 14.82 19.65 -27.96
N PRO C 136 15.16 18.68 -28.82
CA PRO C 136 14.24 17.66 -29.34
C PRO C 136 13.74 16.75 -28.24
N ALA C 137 12.68 16.01 -28.51
CA ALA C 137 12.13 15.12 -27.50
C ALA C 137 13.17 14.08 -27.11
N ASP C 138 13.54 14.07 -25.83
CA ASP C 138 14.53 13.13 -25.34
C ASP C 138 13.97 11.71 -25.44
N LYS C 139 14.73 10.83 -26.11
CA LYS C 139 14.27 9.46 -26.33
C LYS C 139 14.10 8.68 -25.03
N SER C 140 14.74 9.11 -23.94
CA SER C 140 14.52 8.43 -22.67
C SER C 140 13.13 8.70 -22.12
N TYR C 141 12.43 9.69 -22.66
CA TYR C 141 11.07 10.02 -22.23
C TYR C 141 10.02 9.41 -23.14
N LEU C 142 10.42 8.55 -24.06
CA LEU C 142 9.52 7.97 -25.05
C LEU C 142 9.60 6.45 -24.96
N ASP C 143 8.43 5.82 -24.92
CA ASP C 143 8.28 4.38 -25.10
C ASP C 143 7.69 4.20 -26.49
N GLY C 144 8.56 4.03 -27.47
CA GLY C 144 8.13 4.11 -28.85
C GLY C 144 7.73 5.52 -29.19
N ILE C 145 6.44 5.74 -29.48
CA ILE C 145 5.90 7.08 -29.67
C ILE C 145 5.06 7.54 -28.46
N THR C 146 5.07 6.77 -27.37
CA THR C 146 4.26 7.07 -26.19
C THR C 146 5.10 7.89 -25.21
N ALA C 147 4.73 9.15 -24.99
CA ALA C 147 5.44 9.99 -24.04
C ALA C 147 5.24 9.49 -22.61
N LYS C 148 6.32 9.52 -21.83
CA LYS C 148 6.30 9.09 -20.43
C LYS C 148 6.30 10.33 -19.55
N ILE C 149 5.15 10.59 -18.91
CA ILE C 149 4.91 11.81 -18.14
C ILE C 149 4.77 11.43 -16.67
N SER C 150 5.21 12.33 -15.79
CA SER C 150 5.02 12.17 -14.36
C SER C 150 4.09 13.24 -13.82
N TYR C 151 3.40 12.90 -12.73
CA TYR C 151 2.61 13.85 -11.96
C TYR C 151 3.10 13.74 -10.53
N LYS C 152 3.62 14.84 -10.03
CA LYS C 152 4.24 14.78 -8.76
C LYS C 152 4.40 16.14 -8.11
N SER C 153 4.32 16.14 -6.79
CA SER C 153 4.70 17.30 -5.99
C SER C 153 6.13 17.09 -5.51
N THR C 154 7.04 17.95 -5.94
CA THR C 154 8.38 17.98 -5.38
C THR C 154 8.33 18.91 -4.19
N TRP C 155 8.26 18.32 -3.00
CA TRP C 155 8.14 18.99 -1.70
C TRP C 155 9.01 20.24 -1.63
N PRO C 156 8.45 21.39 -1.24
CA PRO C 156 7.08 21.54 -0.74
C PRO C 156 6.06 22.08 -1.76
N LEU C 157 6.43 22.09 -3.04
CA LEU C 157 5.62 22.78 -4.03
C LEU C 157 4.35 21.99 -4.37
N ASP C 158 3.48 22.62 -5.17
CA ASP C 158 2.27 21.98 -5.64
C ASP C 158 2.61 20.92 -6.69
N HIS C 159 1.61 20.16 -7.10
CA HIS C 159 1.87 19.11 -8.08
C HIS C 159 2.10 19.73 -9.46
N GLU C 160 2.85 19.03 -10.29
CA GLU C 160 3.08 19.48 -11.65
C GLU C 160 3.47 18.28 -12.50
N LEU C 161 3.43 18.48 -13.81
CA LEU C 161 3.85 17.45 -14.74
C LEU C 161 5.34 17.54 -14.96
N GLY C 162 5.90 16.46 -15.48
CA GLY C 162 7.30 16.44 -15.82
C GLY C 162 7.53 15.27 -16.76
N PHE C 163 8.76 15.16 -17.24
CA PHE C 163 9.15 14.05 -18.08
C PHE C 163 9.86 13.01 -17.21
N THR C 164 9.66 11.74 -17.55
CA THR C 164 10.21 10.66 -16.73
C THR C 164 10.63 9.49 -17.60
N THR C 165 11.65 8.76 -17.12
CA THR C 165 11.96 7.47 -17.71
C THR C 165 11.06 6.36 -17.19
N SER C 166 10.33 6.62 -16.10
CA SER C 166 9.48 5.60 -15.48
C SER C 166 8.29 5.27 -16.36
N ALA C 167 8.00 3.97 -16.49
CA ALA C 167 6.76 3.54 -17.10
C ALA C 167 5.58 4.08 -16.29
N GLY C 168 4.49 4.38 -17.00
CA GLY C 168 3.31 4.88 -16.35
C GLY C 168 2.07 4.15 -16.81
N LYS C 169 0.91 4.68 -16.47
CA LYS C 169 -0.35 4.04 -16.78
C LYS C 169 -1.14 4.90 -17.78
N GLN C 170 -2.10 4.28 -18.44
CA GLN C 170 -2.93 4.96 -19.41
C GLN C 170 -4.39 4.98 -18.95
N GLN C 171 -5.14 5.92 -19.52
CA GLN C 171 -6.52 6.18 -19.13
C GLN C 171 -7.40 6.19 -20.37
N PRO C 172 -8.69 5.89 -20.23
CA PRO C 172 -9.62 6.07 -21.36
C PRO C 172 -9.65 7.55 -21.78
N LEU C 173 -9.47 7.76 -23.09
CA LEU C 173 -9.37 9.10 -23.66
C LEU C 173 -10.70 9.53 -24.26
N ILE C 174 -11.23 10.66 -23.81
CA ILE C 174 -12.31 11.33 -24.54
C ILE C 174 -11.76 12.67 -25.03
N GLN C 175 -11.91 12.90 -26.32
CA GLN C 175 -11.35 14.09 -26.95
C GLN C 175 -12.38 15.21 -27.01
N TRP C 176 -11.88 16.44 -26.94
CA TRP C 176 -12.73 17.62 -27.14
C TRP C 176 -13.60 17.46 -28.38
N GLU C 177 -12.99 16.99 -29.46
CA GLU C 177 -13.66 16.78 -30.74
C GLU C 177 -14.74 15.71 -30.68
N GLN C 178 -14.74 14.86 -29.65
CA GLN C 178 -15.70 13.78 -29.52
C GLN C 178 -16.77 14.05 -28.47
N MET C 179 -16.66 15.14 -27.72
CA MET C 179 -17.60 15.40 -26.64
C MET C 179 -18.95 15.86 -27.20
N THR C 180 -19.98 15.80 -26.36
CA THR C 180 -21.20 16.50 -26.69
C THR C 180 -20.98 18.01 -26.60
N GLN C 181 -21.87 18.77 -27.26
CA GLN C 181 -21.78 20.21 -27.13
C GLN C 181 -21.98 20.66 -25.69
N ALA C 182 -22.85 19.98 -24.95
CA ALA C 182 -23.08 20.40 -23.57
C ALA C 182 -21.82 20.25 -22.74
N ALA C 183 -21.03 19.21 -23.00
CA ALA C 183 -19.78 19.05 -22.25
C ALA C 183 -18.77 20.11 -22.65
N ARG C 184 -18.67 20.42 -23.95
CA ARG C 184 -17.78 21.50 -24.36
C ARG C 184 -18.21 22.84 -23.77
N ASP C 185 -19.52 23.14 -23.80
CA ASP C 185 -20.04 24.36 -23.20
C ASP C 185 -19.68 24.44 -21.72
N ALA C 186 -19.80 23.33 -20.99
CA ALA C 186 -19.57 23.37 -19.56
C ALA C 186 -18.08 23.55 -19.25
N LEU C 187 -17.20 22.91 -20.03
CA LEU C 187 -15.78 23.11 -19.81
C LEU C 187 -15.36 24.53 -20.14
N GLU C 188 -16.06 25.18 -21.08
CA GLU C 188 -15.74 26.56 -21.43
C GLU C 188 -16.17 27.53 -20.33
N SER C 189 -17.33 27.29 -19.70
CA SER C 189 -17.96 28.28 -18.84
C SER C 189 -17.76 28.04 -17.34
N THR C 190 -17.37 26.83 -16.92
CA THR C 190 -17.35 26.48 -15.51
C THR C 190 -16.16 27.12 -14.80
N ASP C 191 -16.42 27.65 -13.61
CA ASP C 191 -15.38 28.19 -12.75
C ASP C 191 -14.69 27.05 -11.99
N PHE C 192 -13.45 26.73 -12.37
CA PHE C 192 -12.65 25.74 -11.65
C PHE C 192 -11.71 26.39 -10.64
N GLY C 193 -12.00 27.63 -10.24
CA GLY C 193 -11.26 28.26 -9.15
C GLY C 193 -9.82 28.57 -9.50
N ASN C 194 -8.88 28.00 -8.74
CA ASN C 194 -7.47 28.19 -9.00
C ASN C 194 -6.99 27.40 -10.21
N ALA C 195 -7.78 26.44 -10.69
CA ALA C 195 -7.44 25.65 -11.86
C ALA C 195 -8.15 26.18 -13.10
N ASN C 196 -7.56 25.90 -14.27
CA ASN C 196 -8.13 26.35 -15.53
C ASN C 196 -8.04 25.24 -16.58
N VAL C 197 -9.17 24.92 -17.18
CA VAL C 197 -9.22 24.03 -18.34
C VAL C 197 -8.27 24.60 -19.40
N PRO C 198 -7.29 23.84 -19.86
CA PRO C 198 -6.30 24.40 -20.81
C PRO C 198 -6.61 24.17 -22.28
N PHE C 199 -7.75 23.56 -22.60
CA PHE C 199 -8.09 23.25 -23.98
C PHE C 199 -9.46 23.80 -24.35
N LYS C 200 -9.90 24.86 -23.67
CA LYS C 200 -11.15 25.53 -24.04
C LYS C 200 -10.82 26.67 -25.00
N SER C 201 -11.50 27.83 -24.90
CA SER C 201 -11.23 28.90 -25.86
C SER C 201 -9.83 29.47 -25.73
N ASN C 202 -9.10 29.13 -24.67
CA ASN C 202 -7.71 29.49 -24.47
C ASN C 202 -6.74 28.54 -25.13
N PHE C 203 -7.23 27.58 -25.92
CA PHE C 203 -6.38 26.51 -26.45
C PHE C 203 -5.21 27.08 -27.25
N GLN C 204 -5.48 27.99 -28.18
CA GLN C 204 -4.40 28.53 -29.00
C GLN C 204 -3.40 29.31 -28.16
N ASP C 205 -3.88 30.04 -27.15
CA ASP C 205 -3.00 30.78 -26.27
C ASP C 205 -2.08 29.84 -25.50
N LYS C 206 -2.60 28.69 -25.07
CA LYS C 206 -1.75 27.71 -24.40
C LYS C 206 -0.72 27.12 -25.35
N LEU C 207 -1.10 26.87 -26.60
CA LEU C 207 -0.12 26.37 -27.57
C LEU C 207 1.02 27.36 -27.75
N VAL C 208 0.70 28.67 -27.81
CA VAL C 208 1.75 29.68 -27.90
C VAL C 208 2.70 29.57 -26.72
N LYS C 209 2.14 29.47 -25.50
CA LYS C 209 2.97 29.33 -24.31
C LYS C 209 3.77 28.04 -24.32
N ALA C 210 3.22 26.97 -24.88
CA ALA C 210 3.93 25.69 -24.90
C ALA C 210 4.92 25.56 -26.04
N PHE C 211 4.95 26.51 -26.98
CA PHE C 211 5.80 26.32 -28.15
C PHE C 211 7.27 26.29 -27.76
N PHE C 212 8.05 25.53 -28.52
CA PHE C 212 9.35 25.04 -28.06
C PHE C 212 10.55 25.80 -28.62
N GLN C 213 10.35 26.77 -29.49
CA GLN C 213 11.48 27.50 -30.05
C GLN C 213 11.13 28.94 -30.38
N ALA D 1 31.91 0.83 14.80
CA ALA D 1 31.95 1.26 13.41
C ALA D 1 30.54 1.63 12.95
N VAL D 2 30.44 2.19 11.75
CA VAL D 2 29.14 2.29 11.08
C VAL D 2 28.84 0.96 10.41
N ILE D 3 27.61 0.48 10.53
CA ILE D 3 27.13 -0.73 9.86
C ILE D 3 25.85 -0.39 9.11
N ASN D 4 25.45 -1.30 8.22
CA ASN D 4 24.28 -1.03 7.37
C ASN D 4 23.02 -0.81 8.21
N HIS D 5 22.21 0.17 7.79
CA HIS D 5 21.02 0.55 8.58
C HIS D 5 20.11 -0.64 8.84
N ASP D 6 20.01 -1.56 7.89
CA ASP D 6 19.10 -2.68 8.03
C ASP D 6 19.75 -3.89 8.68
N ALA D 7 21.02 -3.77 9.08
CA ALA D 7 21.72 -4.83 9.79
C ALA D 7 21.89 -4.55 11.28
N VAL D 8 21.47 -3.38 11.75
CA VAL D 8 21.51 -3.13 13.19
C VAL D 8 20.42 -3.97 13.84
N PRO D 9 20.76 -4.86 14.79
CA PRO D 9 19.71 -5.67 15.43
C PRO D 9 18.80 -4.82 16.31
N VAL D 10 17.54 -5.24 16.38
CA VAL D 10 16.63 -4.68 17.36
C VAL D 10 17.07 -5.15 18.74
N TRP D 11 17.30 -4.19 19.64
CA TRP D 11 17.61 -4.50 21.03
C TRP D 11 16.34 -4.91 21.78
N PRO D 12 16.23 -6.14 22.27
CA PRO D 12 14.99 -6.55 22.92
C PRO D 12 14.74 -5.76 24.19
N GLN D 13 13.46 -5.56 24.48
CA GLN D 13 13.09 -4.83 25.70
C GLN D 13 13.29 -5.74 26.89
N PRO D 14 14.20 -5.43 27.82
CA PRO D 14 14.38 -6.28 28.99
C PRO D 14 13.32 -5.99 30.04
N GLU D 15 13.34 -6.78 31.12
CA GLU D 15 12.51 -6.44 32.27
C GLU D 15 13.11 -5.25 33.01
N PRO D 16 12.26 -4.39 33.60
CA PRO D 16 12.80 -3.22 34.31
C PRO D 16 13.42 -3.59 35.65
N ALA D 17 14.67 -3.19 35.85
CA ALA D 17 15.42 -3.61 37.02
C ALA D 17 15.26 -2.69 38.23
N ASP D 18 14.64 -1.53 38.05
CA ASP D 18 14.47 -0.59 39.16
C ASP D 18 13.28 0.31 38.83
N ALA D 19 12.99 1.24 39.74
CA ALA D 19 11.78 2.03 39.59
C ALA D 19 11.88 3.01 38.44
N THR D 20 13.09 3.53 38.18
CA THR D 20 13.29 4.38 37.01
C THR D 20 12.91 3.63 35.73
N GLN D 21 13.44 2.43 35.56
CA GLN D 21 13.16 1.69 34.34
C GLN D 21 11.69 1.26 34.28
N ALA D 22 11.09 0.94 35.41
CA ALA D 22 9.68 0.51 35.38
C ALA D 22 8.78 1.67 34.98
N LEU D 23 9.09 2.87 35.45
CA LEU D 23 8.31 4.05 35.09
C LEU D 23 8.41 4.33 33.60
N ALA D 24 9.60 4.19 33.01
CA ALA D 24 9.75 4.45 31.58
C ALA D 24 8.99 3.42 30.75
N VAL D 25 8.94 2.16 31.19
CA VAL D 25 8.09 1.18 30.50
C VAL D 25 6.61 1.61 30.62
N ARG D 26 6.19 2.01 31.82
CA ARG D 26 4.78 2.32 32.05
C ARG D 26 4.28 3.44 31.15
N PHE D 27 5.10 4.47 30.92
CA PHE D 27 4.65 5.63 30.15
C PHE D 27 5.08 5.57 28.69
N LYS D 28 5.52 4.42 28.20
CA LYS D 28 5.95 4.29 26.81
C LYS D 28 4.84 4.78 25.87
N PRO D 29 5.14 5.69 24.96
CA PRO D 29 4.09 6.30 24.12
C PRO D 29 3.75 5.43 22.91
N GLN D 30 2.76 5.90 22.16
CA GLN D 30 2.42 5.37 20.84
C GLN D 30 2.86 6.36 19.77
N LEU D 31 3.27 5.85 18.62
CA LEU D 31 3.75 6.68 17.51
C LEU D 31 2.98 6.35 16.25
N ASP D 32 2.37 7.36 15.65
CA ASP D 32 1.68 7.21 14.36
C ASP D 32 2.57 7.80 13.27
N VAL D 33 3.23 6.93 12.52
CA VAL D 33 4.11 7.37 11.43
C VAL D 33 3.25 7.62 10.20
N VAL D 34 3.02 8.90 9.90
CA VAL D 34 2.12 9.27 8.80
C VAL D 34 2.84 9.20 7.47
N ASN D 35 4.08 9.66 7.42
CA ASN D 35 4.91 9.48 6.23
C ASN D 35 6.37 9.53 6.67
N GLY D 36 7.27 9.37 5.72
CA GLY D 36 8.67 9.22 6.03
C GLY D 36 8.99 7.83 6.55
N CYS D 37 10.15 7.72 7.19
CA CYS D 37 10.66 6.43 7.66
C CYS D 37 9.99 5.98 8.94
N GLN D 38 9.91 4.66 9.09
CA GLN D 38 9.65 4.04 10.39
C GLN D 38 10.88 4.21 11.29
N PRO D 39 10.71 4.12 12.60
CA PRO D 39 11.87 4.11 13.51
C PRO D 39 12.69 2.83 13.35
N TYR D 40 14.01 2.97 13.40
CA TYR D 40 14.96 1.88 13.25
C TYR D 40 15.92 1.86 14.43
N PRO D 41 16.67 0.77 14.60
CA PRO D 41 17.68 0.76 15.67
C PRO D 41 18.91 1.55 15.24
N ALA D 42 19.41 2.39 16.15
CA ALA D 42 20.54 3.26 15.85
C ALA D 42 21.88 2.68 16.31
N VAL D 43 21.87 1.71 17.22
CA VAL D 43 23.09 1.25 17.86
C VAL D 43 22.90 -0.20 18.29
N ASP D 44 23.99 -0.96 18.28
CA ASP D 44 23.99 -2.32 18.83
C ASP D 44 24.80 -2.38 20.14
N PRO D 45 24.76 -3.50 20.86
CA PRO D 45 25.42 -3.53 22.18
C PRO D 45 26.92 -3.46 22.13
N GLN D 46 27.53 -3.64 20.97
CA GLN D 46 28.97 -3.47 20.80
C GLN D 46 29.35 -2.03 20.44
N GLY D 47 28.37 -1.15 20.27
CA GLY D 47 28.66 0.23 19.96
C GLY D 47 28.76 0.56 18.48
N ASN D 48 28.46 -0.38 17.60
CA ASN D 48 28.31 -0.03 16.19
C ASN D 48 27.04 0.78 16.01
N THR D 49 27.05 1.71 15.04
CA THR D 49 25.89 2.57 14.81
C THR D 49 25.39 2.45 13.38
N SER D 50 24.15 2.90 13.18
CA SER D 50 23.52 2.84 11.87
C SER D 50 24.16 3.83 10.91
N GLY D 51 24.46 3.36 9.72
CA GLY D 51 24.90 4.26 8.65
C GLY D 51 23.81 5.08 8.03
N GLY D 52 22.54 4.88 8.40
CA GLY D 52 21.49 5.68 7.82
C GLY D 52 21.35 5.46 6.31
N LEU D 53 20.63 6.40 5.69
CA LEU D 53 20.39 6.35 4.25
C LEU D 53 20.69 7.69 3.61
N LYS D 54 21.17 7.66 2.39
CA LYS D 54 21.35 8.92 1.69
C LYS D 54 19.99 9.39 1.26
N PRO D 55 19.76 10.68 1.26
CA PRO D 55 18.44 11.19 0.88
C PRO D 55 18.16 10.91 -0.60
N SER D 56 17.70 9.69 -0.89
CA SER D 56 17.50 9.24 -2.26
C SER D 56 16.20 8.46 -2.39
N ALA D 60 10.16 5.98 0.90
CA ALA D 60 10.60 5.37 2.15
C ALA D 60 10.82 3.86 2.02
N ALA D 61 11.00 3.36 0.80
CA ALA D 61 11.05 1.92 0.59
C ALA D 61 12.20 1.26 1.34
N ALA D 62 13.28 1.99 1.60
CA ALA D 62 14.43 1.42 2.31
C ALA D 62 14.33 1.58 3.82
N CYS D 63 13.30 2.26 4.32
CA CYS D 63 13.19 2.51 5.75
C CYS D 63 11.75 2.36 6.24
N ARG D 64 11.03 1.35 5.72
CA ARG D 64 9.64 1.13 6.09
C ARG D 64 9.38 -0.22 6.72
N ASP D 65 10.42 -0.94 7.14
CA ASP D 65 10.26 -2.30 7.65
C ASP D 65 9.85 -2.25 9.12
N MET D 66 8.62 -2.61 9.42
CA MET D 66 8.12 -2.57 10.79
C MET D 66 8.83 -3.50 11.73
N SER D 67 9.47 -4.52 11.19
CA SER D 67 10.15 -5.45 12.09
C SER D 67 11.38 -4.82 12.71
N LYS D 68 11.86 -3.70 12.18
CA LYS D 68 13.03 -3.01 12.73
C LYS D 68 12.69 -2.04 13.86
N ALA D 69 11.43 -2.02 14.31
CA ALA D 69 11.00 -0.97 15.25
C ALA D 69 11.83 -0.97 16.53
N GLN D 70 12.17 0.23 16.99
CA GLN D 70 12.91 0.45 18.23
C GLN D 70 12.54 1.82 18.77
N VAL D 71 12.48 1.93 20.09
CA VAL D 71 12.38 3.22 20.75
C VAL D 71 13.36 3.25 21.91
N TYR D 72 13.80 4.45 22.28
CA TYR D 72 14.78 4.72 23.32
C TYR D 72 14.17 5.61 24.38
N SER D 73 14.76 5.58 25.58
CA SER D 73 14.39 6.59 26.57
C SER D 73 15.57 6.89 27.47
N ARG D 74 15.46 8.06 28.12
CA ARG D 74 16.31 8.43 29.25
C ARG D 74 15.45 9.23 30.22
N SER D 75 15.71 9.07 31.51
CA SER D 75 14.88 9.68 32.53
C SER D 75 15.69 10.64 33.40
N GLY D 76 15.06 11.72 33.85
CA GLY D 76 15.75 12.65 34.71
C GLY D 76 14.77 13.64 35.33
N THR D 77 15.33 14.68 35.95
CA THR D 77 14.53 15.73 36.56
C THR D 77 15.03 17.10 36.08
N TYR D 78 14.10 18.06 36.06
CA TYR D 78 14.46 19.44 35.79
C TYR D 78 13.42 20.36 36.44
N ASN D 79 13.91 21.38 37.16
CA ASN D 79 13.08 22.48 37.64
C ASN D 79 11.90 21.98 38.47
N GLY D 80 12.12 20.91 39.24
CA GLY D 80 11.10 20.38 40.12
C GLY D 80 10.12 19.42 39.48
N TYR D 81 10.37 19.01 38.24
CA TYR D 81 9.51 18.06 37.54
C TYR D 81 10.33 16.85 37.13
N TYR D 82 9.65 15.73 36.93
CA TYR D 82 10.29 14.49 36.51
C TYR D 82 10.02 14.28 35.02
N ALA D 83 11.07 13.99 34.27
CA ALA D 83 10.96 13.92 32.82
C ALA D 83 11.37 12.55 32.31
N ILE D 84 10.55 11.96 31.45
CA ILE D 84 10.95 10.79 30.67
C ILE D 84 10.97 11.20 29.20
N MET D 85 12.17 11.20 28.60
CA MET D 85 12.32 11.49 27.19
C MET D 85 12.30 10.19 26.40
N TYR D 86 11.39 10.07 25.45
CA TYR D 86 11.34 8.95 24.51
C TYR D 86 11.86 9.43 23.16
N SER D 87 12.72 8.64 22.53
CA SER D 87 13.39 9.12 21.33
C SER D 87 13.39 8.03 20.26
N TRP D 88 13.23 8.45 19.01
CA TRP D 88 13.26 7.57 17.85
C TRP D 88 14.36 7.99 16.90
N TYR D 89 15.03 7.00 16.31
CA TYR D 89 16.00 7.20 15.23
C TYR D 89 15.37 6.76 13.91
N MET D 90 15.47 7.60 12.89
CA MET D 90 15.07 7.21 11.54
C MET D 90 16.27 7.28 10.60
N PRO D 91 16.36 6.39 9.62
CA PRO D 91 17.58 6.37 8.78
C PRO D 91 17.80 7.61 7.93
N LYS D 92 16.75 8.37 7.61
CA LYS D 92 16.91 9.64 6.93
C LYS D 92 15.71 10.51 7.24
N ASP D 93 15.84 11.79 6.90
CA ASP D 93 14.77 12.79 7.01
C ASP D 93 14.72 13.44 5.63
N SER D 94 13.89 12.92 4.75
CA SER D 94 13.92 13.38 3.36
C SER D 94 12.52 13.63 2.81
N ILE D 99 16.80 16.42 -1.41
CA ILE D 99 16.20 17.16 -0.31
C ILE D 99 16.24 16.33 0.98
N GLY D 100 16.63 16.96 2.08
CA GLY D 100 16.74 16.28 3.35
C GLY D 100 18.15 15.80 3.63
N HIS D 101 18.25 14.81 4.53
CA HIS D 101 19.59 14.34 4.90
C HIS D 101 19.52 12.95 5.52
N ARG D 102 20.69 12.36 5.63
CA ARG D 102 20.93 11.10 6.27
C ARG D 102 20.73 11.34 7.77
N HIS D 103 20.12 10.34 8.41
CA HIS D 103 19.82 10.31 9.86
C HIS D 103 18.71 11.26 10.29
N ASP D 104 17.98 10.84 11.33
CA ASP D 104 17.01 11.67 12.01
C ASP D 104 16.89 11.19 13.44
N TRP D 105 16.85 12.13 14.38
CA TRP D 105 16.56 11.86 15.78
C TRP D 105 15.42 12.77 16.22
N GLU D 106 14.36 12.18 16.77
CA GLU D 106 13.22 12.92 17.30
C GLU D 106 13.01 12.51 18.75
N ASN D 107 12.34 13.36 19.53
CA ASN D 107 12.08 12.96 20.91
C ASN D 107 10.86 13.69 21.45
N VAL D 108 10.12 13.00 22.32
CA VAL D 108 9.03 13.58 23.09
C VAL D 108 9.37 13.45 24.55
N VAL D 109 9.10 14.50 25.34
CA VAL D 109 9.28 14.45 26.78
C VAL D 109 7.92 14.35 27.45
N VAL D 110 7.75 13.32 28.29
CA VAL D 110 6.60 13.20 29.16
C VAL D 110 6.99 13.78 30.52
N TRP D 111 6.30 14.85 30.93
CA TRP D 111 6.60 15.54 32.18
C TRP D 111 5.62 15.07 33.26
N LEU D 112 6.16 14.59 34.37
CA LEU D 112 5.38 14.20 35.52
C LEU D 112 5.59 15.18 36.66
N ASP D 113 4.57 15.35 37.51
CA ASP D 113 4.78 16.22 38.68
C ASP D 113 5.90 15.69 39.56
N ASN D 114 5.92 14.39 39.81
CA ASN D 114 7.07 13.71 40.41
C ASN D 114 6.95 12.23 40.08
N ALA D 115 8.03 11.48 40.34
CA ALA D 115 8.08 10.08 39.91
C ALA D 115 7.16 9.17 40.71
N ALA D 116 6.69 9.60 41.89
CA ALA D 116 5.77 8.76 42.66
C ALA D 116 4.32 9.07 42.35
N SER D 117 3.92 10.35 42.45
CA SER D 117 2.58 10.74 42.02
C SER D 117 2.35 10.38 40.55
N ALA D 118 3.34 10.68 39.70
CA ALA D 118 3.35 10.30 38.28
C ALA D 118 2.08 10.76 37.57
N ASN D 119 1.67 11.99 37.83
CA ASN D 119 0.62 12.65 37.06
C ASN D 119 1.26 13.38 35.88
N ILE D 120 0.76 13.15 34.68
CA ILE D 120 1.28 13.85 33.51
C ILE D 120 0.84 15.30 33.58
N VAL D 121 1.81 16.21 33.62
CA VAL D 121 1.51 17.64 33.63
C VAL D 121 1.67 18.30 32.26
N ALA D 122 2.47 17.72 31.36
CA ALA D 122 2.69 18.32 30.05
C ALA D 122 3.38 17.31 29.15
N LEU D 123 3.27 17.54 27.85
CA LEU D 123 4.00 16.80 26.83
C LEU D 123 4.78 17.80 25.97
N SER D 124 6.02 17.45 25.61
CA SER D 124 6.82 18.27 24.70
C SER D 124 7.29 17.41 23.55
N ALA D 125 7.09 17.86 22.31
CA ALA D 125 7.42 17.07 21.13
C ALA D 125 8.37 17.83 20.22
N SER D 126 9.45 17.17 19.80
CA SER D 126 10.48 17.85 19.01
C SER D 126 9.95 18.32 17.67
N ALA D 127 10.22 19.59 17.34
CA ALA D 127 9.82 20.18 16.07
C ALA D 127 11.06 20.46 15.22
N HIS D 128 10.89 21.19 14.12
CA HIS D 128 12.07 21.54 13.33
C HIS D 128 13.05 22.34 14.18
N SER D 129 12.54 23.29 14.95
CA SER D 129 13.32 24.00 15.96
C SER D 129 12.54 23.93 17.26
N GLY D 130 13.21 23.53 18.34
CA GLY D 130 12.55 23.54 19.63
C GLY D 130 11.50 22.45 19.79
N TYR D 131 10.48 22.77 20.58
CA TYR D 131 9.48 21.80 21.00
C TYR D 131 8.08 22.38 20.92
N LYS D 132 7.15 21.58 20.40
CA LYS D 132 5.73 21.81 20.61
C LYS D 132 5.34 21.35 22.00
N LYS D 133 4.46 22.10 22.67
CA LYS D 133 4.09 21.75 24.03
C LYS D 133 2.58 21.60 24.17
N SER D 134 2.18 20.61 24.93
CA SER D 134 0.78 20.43 25.33
C SER D 134 0.76 20.56 26.85
N PHE D 135 0.24 21.69 27.33
CA PHE D 135 0.29 22.06 28.74
C PHE D 135 -1.02 22.74 29.11
N PRO D 136 -1.90 22.09 29.90
CA PRO D 136 -1.75 20.73 30.44
C PRO D 136 -1.83 19.72 29.31
N ALA D 137 -1.42 18.48 29.56
CA ALA D 137 -1.52 17.46 28.52
C ALA D 137 -2.96 17.26 28.09
N ASP D 138 -3.27 17.61 26.84
CA ASP D 138 -4.62 17.45 26.32
C ASP D 138 -5.05 15.99 26.36
N LYS D 139 -6.21 15.73 26.99
CA LYS D 139 -6.71 14.37 27.12
C LYS D 139 -6.95 13.72 25.77
N SER D 140 -7.15 14.51 24.71
CA SER D 140 -7.32 13.96 23.36
C SER D 140 -6.06 13.27 22.89
N TYR D 141 -4.93 13.60 23.49
CA TYR D 141 -3.62 13.07 23.11
C TYR D 141 -3.17 11.94 24.02
N LEU D 142 -4.01 11.51 24.95
CA LEU D 142 -3.66 10.44 25.87
C LEU D 142 -4.61 9.27 25.70
N ASP D 143 -4.05 8.08 25.56
CA ASP D 143 -4.78 6.82 25.66
C ASP D 143 -4.45 6.28 27.05
N GLY D 144 -5.28 6.63 28.03
CA GLY D 144 -4.90 6.38 29.40
C GLY D 144 -3.74 7.28 29.82
N ILE D 145 -2.60 6.66 30.13
CA ILE D 145 -1.36 7.40 30.36
C ILE D 145 -0.41 7.30 29.17
N THR D 146 -0.88 6.75 28.05
CA THR D 146 -0.04 6.50 26.87
C THR D 146 -0.18 7.67 25.91
N ALA D 147 0.87 8.47 25.77
CA ALA D 147 0.81 9.62 24.87
C ALA D 147 0.72 9.18 23.42
N LYS D 148 -0.10 9.87 22.65
CA LYS D 148 -0.30 9.58 21.24
C LYS D 148 0.46 10.61 20.42
N ILE D 149 1.53 10.16 19.76
CA ILE D 149 2.48 11.02 19.06
C ILE D 149 2.44 10.70 17.57
N SER D 150 2.65 11.72 16.75
CA SER D 150 2.75 11.56 15.30
C SER D 150 4.16 11.89 14.81
N TYR D 151 4.54 11.27 13.69
CA TYR D 151 5.76 11.64 12.95
C TYR D 151 5.33 11.91 11.52
N LYS D 152 5.58 13.14 11.06
CA LYS D 152 5.11 13.48 9.72
C LYS D 152 5.85 14.70 9.19
N SER D 153 5.96 14.76 7.87
CA SER D 153 6.53 15.93 7.21
C SER D 153 5.63 17.13 7.45
N THR D 154 6.20 18.18 8.04
CA THR D 154 5.45 19.38 8.39
C THR D 154 5.75 20.46 7.36
N TRP D 155 4.74 20.81 6.57
CA TRP D 155 4.91 21.76 5.49
C TRP D 155 5.32 23.14 6.03
N PRO D 156 6.25 23.84 5.36
CA PRO D 156 6.94 23.41 4.14
C PRO D 156 8.34 22.85 4.40
N LEU D 157 8.58 22.31 5.58
CA LEU D 157 9.93 21.91 5.99
C LEU D 157 10.00 20.39 6.07
N ASP D 158 10.55 19.82 7.13
CA ASP D 158 10.88 18.40 7.19
CA ASP D 158 10.91 18.41 7.22
C ASP D 158 10.00 17.68 8.21
N HIS D 159 10.43 16.47 8.60
CA HIS D 159 9.61 15.70 9.52
C HIS D 159 9.70 16.24 10.93
N GLU D 160 8.60 16.09 11.67
CA GLU D 160 8.49 16.58 13.03
C GLU D 160 7.65 15.61 13.83
N LEU D 161 7.84 15.62 15.14
CA LEU D 161 6.85 15.00 16.00
C LEU D 161 5.70 15.97 16.23
N GLY D 162 4.56 15.41 16.62
CA GLY D 162 3.38 16.18 16.96
C GLY D 162 2.50 15.36 17.87
N PHE D 163 1.43 15.99 18.34
CA PHE D 163 0.42 15.32 19.14
C PHE D 163 -0.75 14.97 18.24
N THR D 164 -1.39 13.83 18.51
CA THR D 164 -2.45 13.38 17.62
C THR D 164 -3.51 12.65 18.43
N THR D 165 -4.74 12.67 17.88
CA THR D 165 -5.79 11.80 18.41
C THR D 165 -5.72 10.38 17.86
N SER D 166 -4.92 10.15 16.82
CA SER D 166 -4.87 8.84 16.18
C SER D 166 -4.12 7.83 17.05
N ALA D 167 -4.67 6.61 17.12
CA ALA D 167 -3.94 5.51 17.72
C ALA D 167 -2.65 5.26 16.93
N GLY D 168 -1.60 4.88 17.65
CA GLY D 168 -0.32 4.64 17.02
C GLY D 168 0.22 3.29 17.40
N LYS D 169 1.47 3.03 17.02
CA LYS D 169 2.11 1.75 17.30
C LYS D 169 3.18 1.92 18.37
N GLN D 170 3.52 0.82 19.00
CA GLN D 170 4.59 0.82 19.99
C GLN D 170 5.76 -0.02 19.50
N GLN D 171 6.91 0.25 20.10
CA GLN D 171 8.19 -0.33 19.74
C GLN D 171 8.86 -0.92 20.97
N PRO D 172 9.73 -1.92 20.80
CA PRO D 172 10.54 -2.37 21.94
C PRO D 172 11.43 -1.24 22.45
N LEU D 173 11.40 -1.01 23.76
CA LEU D 173 12.14 0.08 24.39
C LEU D 173 13.44 -0.43 25.01
N ILE D 174 14.57 0.16 24.61
CA ILE D 174 15.81 0.00 25.37
C ILE D 174 16.19 1.36 25.93
N GLN D 175 16.38 1.41 27.23
CA GLN D 175 16.63 2.67 27.90
C GLN D 175 18.12 2.95 27.97
N TRP D 176 18.47 4.23 27.97
CA TRP D 176 19.85 4.65 28.17
C TRP D 176 20.45 3.96 29.39
N GLU D 177 19.67 3.89 30.47
CA GLU D 177 20.08 3.29 31.74
C GLU D 177 20.30 1.78 31.63
N GLN D 178 19.83 1.14 30.55
CA GLN D 178 19.93 -0.30 30.36
C GLN D 178 20.93 -0.69 29.29
N MET D 179 21.51 0.27 28.59
CA MET D 179 22.43 -0.06 27.52
C MET D 179 23.76 -0.56 28.07
N THR D 180 24.54 -1.16 27.19
CA THR D 180 25.94 -1.40 27.50
C THR D 180 26.69 -0.07 27.49
N GLN D 181 27.84 -0.05 28.16
CA GLN D 181 28.67 1.16 28.11
C GLN D 181 29.10 1.47 26.68
N ALA D 182 29.41 0.43 25.89
CA ALA D 182 29.83 0.67 24.51
C ALA D 182 28.74 1.39 23.71
N ALA D 183 27.48 1.03 23.94
CA ALA D 183 26.38 1.70 23.25
C ALA D 183 26.27 3.16 23.71
N ARG D 184 26.32 3.39 25.02
CA ARG D 184 26.28 4.79 25.50
C ARG D 184 27.45 5.59 24.93
N ASP D 185 28.66 5.01 24.94
CA ASP D 185 29.84 5.68 24.40
C ASP D 185 29.64 6.07 22.94
N ALA D 186 29.11 5.13 22.15
CA ALA D 186 28.91 5.38 20.72
C ALA D 186 27.85 6.43 20.49
N LEU D 187 26.76 6.41 21.27
CA LEU D 187 25.76 7.45 21.08
C LEU D 187 26.30 8.82 21.49
N GLU D 188 27.26 8.85 22.42
CA GLU D 188 27.82 10.12 22.85
C GLU D 188 28.76 10.71 21.79
N SER D 189 29.52 9.85 21.11
CA SER D 189 30.64 10.30 20.29
C SER D 189 30.38 10.27 18.79
N THR D 190 29.34 9.58 18.34
CA THR D 190 29.14 9.40 16.91
C THR D 190 28.58 10.66 16.27
N ASP D 191 29.11 10.97 15.09
CA ASP D 191 28.65 12.09 14.28
C ASP D 191 27.43 11.64 13.47
N PHE D 192 26.24 12.11 13.85
CA PHE D 192 25.03 11.84 13.07
C PHE D 192 24.69 12.98 12.13
N GLY D 193 25.67 13.83 11.81
CA GLY D 193 25.49 14.83 10.78
C GLY D 193 24.51 15.91 11.14
N ASN D 194 23.44 16.05 10.35
CA ASN D 194 22.41 17.02 10.62
C ASN D 194 21.51 16.62 11.78
N ALA D 195 21.60 15.38 12.24
CA ALA D 195 20.79 14.89 13.35
C ALA D 195 21.64 14.79 14.61
N ASN D 196 20.97 14.84 15.77
CA ASN D 196 21.66 14.84 17.05
C ASN D 196 20.93 13.96 18.04
N VAL D 197 21.66 13.02 18.63
CA VAL D 197 21.14 12.23 19.75
C VAL D 197 20.68 13.20 20.83
N PRO D 198 19.43 13.16 21.28
CA PRO D 198 18.95 14.16 22.25
C PRO D 198 19.03 13.75 23.71
N PHE D 199 19.54 12.55 24.01
CA PHE D 199 19.62 12.04 25.38
C PHE D 199 21.05 11.64 25.75
N LYS D 200 22.05 12.24 25.10
CA LYS D 200 23.44 12.00 25.47
C LYS D 200 23.87 13.06 26.49
N SER D 201 25.13 13.56 26.44
CA SER D 201 25.54 14.53 27.45
C SER D 201 24.79 15.86 27.34
N ASN D 202 24.03 16.06 26.26
CA ASN D 202 23.14 17.20 26.08
C ASN D 202 21.78 17.00 26.73
N PHE D 203 21.57 15.90 27.48
CA PHE D 203 20.24 15.56 27.98
C PHE D 203 19.61 16.72 28.76
N GLN D 204 20.34 17.24 29.76
CA GLN D 204 19.78 18.30 30.58
C GLN D 204 19.50 19.55 29.76
N ASP D 205 20.39 19.88 28.82
CA ASP D 205 20.15 21.05 27.96
C ASP D 205 18.87 20.86 27.14
N LYS D 206 18.59 19.63 26.71
CA LYS D 206 17.35 19.39 25.96
C LYS D 206 16.12 19.49 26.86
N LEU D 207 16.23 19.04 28.11
CA LEU D 207 15.10 19.21 29.03
C LEU D 207 14.80 20.68 29.27
N VAL D 208 15.83 21.53 29.32
CA VAL D 208 15.57 22.97 29.46
C VAL D 208 14.76 23.47 28.28
N LYS D 209 15.17 23.08 27.06
CA LYS D 209 14.47 23.54 25.86
C LYS D 209 13.07 22.96 25.77
N ALA D 210 12.84 21.78 26.34
CA ALA D 210 11.51 21.16 26.28
C ALA D 210 10.59 21.60 27.40
N PHE D 211 11.12 22.34 28.39
CA PHE D 211 10.30 22.71 29.54
C PHE D 211 9.08 23.51 29.09
N PHE D 212 7.96 23.30 29.77
CA PHE D 212 6.64 23.64 29.27
C PHE D 212 6.13 25.01 29.73
N GLN D 213 6.93 25.76 30.48
CA GLN D 213 6.56 27.12 30.85
C GLN D 213 7.80 27.97 31.14
MG MG E . 17.68 -10.34 -13.81
MG MG F . -20.74 1.94 13.84
MG MG G . -1.04 20.89 -10.14
MG MG H . 12.47 16.52 12.60
C1 GCS I . 16.09 18.04 10.13
C2 GCS I . 17.26 18.98 10.34
C3 GCS I . 17.50 19.95 9.25
C4 GCS I . 17.22 19.50 7.84
C5 GCS I . 15.98 18.62 7.73
C6 GCS I . 15.86 18.01 6.37
N2 GCS I . 16.98 19.72 11.56
O1 GCS I . 16.18 16.96 10.97
O3 GCS I . 18.90 20.32 9.31
O4 GCS I . 17.08 20.64 7.00
O5 GCS I . 16.00 17.55 8.72
O6 GCS I . 15.76 19.01 5.36
#